data_9K7Q
#
_entry.id   9K7Q
#
_cell.length_a   75.285
_cell.length_b   75.274
_cell.length_c   75.390
_cell.angle_alpha   89.89
_cell.angle_beta   89.92
_cell.angle_gamma   60.04
#
_symmetry.space_group_name_H-M   'P 1'
#
loop_
_entity.id
_entity.type
_entity.pdbx_description
1 polymer 'Parkinson disease protein 7'
2 polymer Alpha-synuclein
#
loop_
_entity_poly.entity_id
_entity_poly.type
_entity_poly.pdbx_seq_one_letter_code
_entity_poly.pdbx_strand_id
1 'polypeptide(L)'
;ASKRALVILAKGAEEMETVIPVDVMRRAGIKVTVAGLAGKDPVQCSRDVVICPDASLEDAKKEGPYDVVVLPGGNLGAQN
LSESAAVKEILKEQENRKGLIAAICAGPTALLAHEIGFGSKVTTHPLAKDKMMNGGHYTYSENRVEKDGLILTSRGPGTS
FEFALAIVEALNGKEVAAQVKAPLVLK
;
A,D,E,F,H,J
2 'polypeptide(L)'
;MDVFMKGLSKAKEGVVAAAEKTKQGVAEAAGKTKEGVLYVGSKTKEGVVHGVATVAEKTKEQVTNVGGAVVTGVTAVAQK
TVEGAGSIAAAT
;
M
#
# COMPACT_ATOMS: atom_id res chain seq x y z
N ALA A 1 24.46 15.48 -34.10
CA ALA A 1 23.24 14.65 -33.94
C ALA A 1 21.96 15.51 -33.89
N SER A 2 21.35 15.79 -35.06
CA SER A 2 19.89 15.87 -35.14
C SER A 2 19.33 14.62 -34.48
N LYS A 3 18.13 14.71 -33.88
CA LYS A 3 17.47 13.48 -33.49
C LYS A 3 16.98 12.73 -34.74
N ARG A 4 16.84 11.39 -34.64
CA ARG A 4 16.51 10.53 -35.77
C ARG A 4 15.35 9.61 -35.39
N ALA A 5 14.45 9.42 -36.35
CA ALA A 5 13.27 8.60 -36.15
C ALA A 5 13.17 7.57 -37.27
N LEU A 6 12.82 6.35 -36.88
CA LEU A 6 12.49 5.31 -37.83
C LEU A 6 10.98 5.06 -37.77
N VAL A 7 10.34 5.21 -38.94
CA VAL A 7 8.93 4.91 -39.08
C VAL A 7 8.81 3.66 -39.95
N ILE A 8 8.28 2.57 -39.37
CA ILE A 8 8.18 1.29 -40.06
C ILE A 8 6.82 1.19 -40.76
N LEU A 9 6.87 1.13 -42.09
CA LEU A 9 5.68 1.24 -42.93
C LEU A 9 5.38 -0.10 -43.57
N ALA A 10 4.25 -0.71 -43.13
CA ALA A 10 3.80 -2.02 -43.61
C ALA A 10 2.53 -1.87 -44.46
N LYS A 11 2.33 -2.84 -45.34
CA LYS A 11 1.11 -2.90 -46.13
C LYS A 11 -0.12 -2.91 -45.24
N GLY A 12 -1.10 -2.07 -45.55
CA GLY A 12 -2.31 -2.00 -44.74
C GLY A 12 -2.23 -1.00 -43.57
N ALA A 13 -1.09 -0.30 -43.45
CA ALA A 13 -0.90 0.75 -42.47
C ALA A 13 -1.93 1.86 -42.67
N GLU A 14 -2.36 2.47 -41.57
CA GLU A 14 -3.20 3.64 -41.68
C GLU A 14 -2.31 4.79 -42.15
N GLU A 15 -2.65 5.34 -43.32
CA GLU A 15 -1.79 6.32 -43.97
C GLU A 15 -1.72 7.65 -43.22
N MET A 16 -2.81 8.03 -42.52
CA MET A 16 -2.83 9.26 -41.75
C MET A 16 -1.94 9.12 -40.52
N GLU A 17 -1.94 7.94 -39.89
CA GLU A 17 -1.11 7.67 -38.71
C GLU A 17 0.37 7.51 -39.10
N THR A 18 0.64 7.34 -40.39
CA THR A 18 2.00 7.28 -40.93
C THR A 18 2.47 8.69 -41.25
N VAL A 19 1.69 9.39 -42.08
CA VAL A 19 2.08 10.66 -42.69
C VAL A 19 2.13 11.78 -41.66
N ILE A 20 1.15 11.84 -40.76
CA ILE A 20 1.08 12.92 -39.78
C ILE A 20 2.37 12.90 -38.94
N PRO A 21 2.77 11.77 -38.29
CA PRO A 21 4.00 11.77 -37.51
C PRO A 21 5.25 12.07 -38.33
N VAL A 22 5.35 11.57 -39.56
CA VAL A 22 6.52 11.81 -40.40
C VAL A 22 6.66 13.31 -40.64
N ASP A 23 5.55 13.94 -41.04
CA ASP A 23 5.49 15.35 -41.42
C ASP A 23 5.85 16.20 -40.20
N VAL A 24 5.10 16.00 -39.11
CA VAL A 24 5.24 16.76 -37.87
C VAL A 24 6.66 16.62 -37.34
N MET A 25 7.20 15.40 -37.38
CA MET A 25 8.55 15.19 -36.87
C MET A 25 9.56 15.93 -37.73
N ARG A 26 9.33 15.93 -39.05
CA ARG A 26 10.23 16.62 -39.96
C ARG A 26 10.17 18.13 -39.69
N ARG A 27 8.98 18.62 -39.38
CA ARG A 27 8.83 20.02 -39.00
C ARG A 27 9.66 20.35 -37.76
N ALA A 28 9.90 19.35 -36.90
CA ALA A 28 10.62 19.53 -35.65
C ALA A 28 12.13 19.43 -35.84
N GLY A 29 12.57 19.18 -37.07
CA GLY A 29 14.00 19.05 -37.31
C GLY A 29 14.54 17.64 -37.01
N ILE A 30 13.63 16.68 -36.85
CA ILE A 30 14.01 15.28 -36.73
C ILE A 30 14.32 14.74 -38.12
N LYS A 31 15.40 13.96 -38.22
CA LYS A 31 15.69 13.25 -39.45
C LYS A 31 14.89 11.96 -39.46
N VAL A 32 13.88 11.90 -40.33
CA VAL A 32 12.98 10.76 -40.35
C VAL A 32 13.35 9.84 -41.52
N THR A 33 13.46 8.55 -41.24
CA THR A 33 13.51 7.52 -42.26
C THR A 33 12.20 6.72 -42.28
N VAL A 34 11.49 6.81 -43.41
CA VAL A 34 10.33 5.95 -43.62
C VAL A 34 10.81 4.63 -44.24
N ALA A 35 10.76 3.56 -43.44
CA ALA A 35 11.33 2.29 -43.82
C ALA A 35 10.24 1.27 -44.16
N GLY A 36 10.28 0.78 -45.41
CA GLY A 36 9.35 -0.24 -45.87
C GLY A 36 9.67 -1.60 -45.25
N LEU A 37 8.69 -2.14 -44.51
CA LEU A 37 8.87 -3.40 -43.83
C LEU A 37 9.40 -4.50 -44.78
N ALA A 38 8.83 -4.62 -45.98
CA ALA A 38 9.27 -5.67 -46.90
C ALA A 38 9.88 -5.01 -48.13
N GLY A 39 10.72 -4.02 -47.86
CA GLY A 39 11.61 -3.55 -48.91
C GLY A 39 11.31 -2.12 -49.32
N LYS A 40 11.85 -1.75 -50.49
CA LYS A 40 11.84 -0.38 -50.98
C LYS A 40 10.57 -0.12 -51.80
N ASP A 41 9.77 -1.19 -52.02
CA ASP A 41 8.58 -1.17 -52.85
C ASP A 41 7.57 -0.17 -52.30
N PRO A 42 6.80 0.51 -53.19
CA PRO A 42 5.67 1.35 -52.75
C PRO A 42 4.66 0.55 -51.92
N VAL A 43 4.10 1.19 -50.89
CA VAL A 43 3.31 0.52 -49.88
C VAL A 43 1.88 1.02 -50.02
N GLN A 44 0.96 0.08 -50.26
CA GLN A 44 -0.45 0.38 -50.31
C GLN A 44 -0.99 0.37 -48.88
N CYS A 45 -1.54 1.53 -48.51
CA CYS A 45 -2.07 1.73 -47.16
C CYS A 45 -3.54 1.32 -47.09
N SER A 46 -4.10 1.45 -45.87
CA SER A 46 -5.44 0.97 -45.55
C SER A 46 -6.50 1.56 -46.49
N ARG A 47 -6.35 2.84 -46.86
CA ARG A 47 -7.29 3.54 -47.74
C ARG A 47 -6.65 3.87 -49.09
N ASP A 48 -5.71 3.02 -49.51
CA ASP A 48 -5.18 2.94 -50.87
C ASP A 48 -4.28 4.14 -51.23
N VAL A 49 -3.94 4.97 -50.25
CA VAL A 49 -2.83 5.90 -50.43
C VAL A 49 -1.57 5.08 -50.57
N VAL A 50 -0.77 5.38 -51.61
CA VAL A 50 0.43 4.59 -51.89
C VAL A 50 1.67 5.44 -51.60
N ILE A 51 2.46 4.99 -50.63
CA ILE A 51 3.57 5.75 -50.12
C ILE A 51 4.86 5.02 -50.52
N CYS A 52 5.81 5.77 -51.08
CA CYS A 52 7.13 5.24 -51.38
C CYS A 52 8.05 5.43 -50.17
N PRO A 53 8.55 4.33 -49.58
CA PRO A 53 9.44 4.44 -48.43
C PRO A 53 10.76 5.04 -48.91
N ASP A 54 11.53 5.60 -47.97
CA ASP A 54 12.84 6.19 -48.23
C ASP A 54 13.85 5.09 -48.50
N ALA A 55 13.62 3.92 -47.86
CA ALA A 55 14.41 2.72 -48.06
C ALA A 55 13.69 1.53 -47.45
N SER A 56 14.28 0.35 -47.66
CA SER A 56 13.92 -0.88 -46.97
C SER A 56 14.27 -0.76 -45.48
N LEU A 57 13.54 -1.52 -44.66
CA LEU A 57 13.87 -1.61 -43.25
C LEU A 57 15.27 -2.18 -43.09
N GLU A 58 15.61 -3.18 -43.94
CA GLU A 58 16.94 -3.79 -43.98
C GLU A 58 18.00 -2.69 -43.92
N ASP A 59 17.93 -1.78 -44.91
CA ASP A 59 18.93 -0.74 -45.11
C ASP A 59 18.83 0.32 -44.02
N ALA A 60 17.60 0.66 -43.61
CA ALA A 60 17.40 1.68 -42.60
C ALA A 60 18.05 1.24 -41.29
N LYS A 61 17.92 -0.06 -40.98
CA LYS A 61 18.40 -0.64 -39.74
C LYS A 61 19.92 -0.41 -39.63
N LYS A 62 20.58 -0.51 -40.78
CA LYS A 62 22.03 -0.42 -40.87
C LYS A 62 22.51 1.00 -40.56
N GLU A 63 21.62 1.99 -40.74
CA GLU A 63 21.96 3.39 -40.53
C GLU A 63 21.55 3.87 -39.14
N GLY A 64 21.12 2.94 -38.28
CA GLY A 64 20.72 3.25 -36.91
C GLY A 64 21.90 3.57 -35.98
N PRO A 65 21.69 3.86 -34.67
CA PRO A 65 20.40 3.68 -34.01
C PRO A 65 19.47 4.88 -34.16
N TYR A 66 18.17 4.66 -33.86
CA TYR A 66 17.23 5.77 -33.92
C TYR A 66 16.75 6.15 -32.51
N ASP A 67 16.49 7.45 -32.33
CA ASP A 67 16.06 8.01 -31.06
C ASP A 67 14.62 7.59 -30.75
N VAL A 68 13.85 7.28 -31.80
CA VAL A 68 12.51 6.72 -31.67
C VAL A 68 12.25 5.74 -32.81
N VAL A 69 11.53 4.66 -32.47
CA VAL A 69 10.94 3.76 -33.45
C VAL A 69 9.44 3.96 -33.34
N VAL A 70 8.82 4.28 -34.48
CA VAL A 70 7.41 4.61 -34.58
C VAL A 70 6.68 3.49 -35.32
N LEU A 71 5.62 2.97 -34.66
CA LEU A 71 4.74 1.99 -35.27
C LEU A 71 3.40 2.65 -35.56
N PRO A 72 3.07 2.91 -36.86
CA PRO A 72 1.73 3.34 -37.23
C PRO A 72 0.78 2.17 -36.99
N GLY A 73 -0.52 2.50 -36.98
CA GLY A 73 -1.56 1.50 -36.83
C GLY A 73 -2.16 1.09 -38.18
N GLY A 74 -3.47 0.84 -38.17
CA GLY A 74 -4.11 0.06 -39.21
C GLY A 74 -4.10 -1.44 -38.83
N ASN A 75 -5.24 -2.11 -38.94
CA ASN A 75 -5.37 -3.45 -38.40
C ASN A 75 -4.37 -4.39 -39.06
N LEU A 76 -4.35 -4.41 -40.38
CA LEU A 76 -3.45 -5.21 -41.20
C LEU A 76 -2.01 -4.73 -41.08
N GLY A 77 -1.81 -3.41 -41.12
CA GLY A 77 -0.50 -2.85 -40.88
C GLY A 77 0.13 -3.42 -39.60
N ALA A 78 -0.63 -3.37 -38.51
CA ALA A 78 -0.17 -3.81 -37.19
C ALA A 78 0.06 -5.32 -37.19
N GLN A 79 -0.80 -6.05 -37.90
CA GLN A 79 -0.66 -7.50 -38.03
C GLN A 79 0.68 -7.78 -38.71
N ASN A 80 0.98 -7.01 -39.76
CA ASN A 80 2.21 -7.23 -40.51
C ASN A 80 3.43 -6.96 -39.62
N LEU A 81 3.38 -5.87 -38.82
CA LEU A 81 4.47 -5.56 -37.90
C LEU A 81 4.63 -6.68 -36.89
N SER A 82 3.49 -7.20 -36.41
CA SER A 82 3.41 -8.23 -35.37
C SER A 82 4.06 -9.55 -35.81
N GLU A 83 4.12 -9.79 -37.13
CA GLU A 83 4.56 -11.06 -37.69
C GLU A 83 6.02 -11.01 -38.11
N SER A 84 6.63 -9.81 -38.06
CA SER A 84 7.97 -9.60 -38.60
C SER A 84 9.03 -9.85 -37.51
N ALA A 85 9.95 -10.79 -37.81
CA ALA A 85 11.07 -11.09 -36.94
C ALA A 85 12.04 -9.90 -36.88
N ALA A 86 12.16 -9.20 -38.02
CA ALA A 86 13.01 -8.03 -38.08
C ALA A 86 12.50 -6.95 -37.12
N VAL A 87 11.16 -6.79 -37.06
CA VAL A 87 10.58 -5.77 -36.21
C VAL A 87 10.86 -6.15 -34.77
N LYS A 88 10.67 -7.43 -34.44
CA LYS A 88 10.90 -7.93 -33.10
C LYS A 88 12.32 -7.55 -32.64
N GLU A 89 13.29 -7.81 -33.51
CA GLU A 89 14.70 -7.60 -33.23
C GLU A 89 14.94 -6.13 -32.92
N ILE A 90 14.38 -5.24 -33.77
CA ILE A 90 14.52 -3.79 -33.68
C ILE A 90 13.94 -3.28 -32.38
N LEU A 91 12.75 -3.77 -32.00
CA LEU A 91 12.09 -3.29 -30.80
C LEU A 91 12.83 -3.79 -29.55
N LYS A 92 13.24 -5.06 -29.58
CA LYS A 92 13.97 -5.61 -28.45
C LYS A 92 15.22 -4.75 -28.20
N GLU A 93 15.95 -4.46 -29.28
CA GLU A 93 17.21 -3.73 -29.23
C GLU A 93 16.99 -2.28 -28.81
N GLN A 94 15.87 -1.68 -29.23
CA GLN A 94 15.53 -0.30 -28.89
C GLN A 94 15.21 -0.20 -27.41
N GLU A 95 14.46 -1.17 -26.91
CA GLU A 95 14.09 -1.25 -25.49
C GLU A 95 15.37 -1.38 -24.66
N ASN A 96 16.28 -2.21 -25.17
CA ASN A 96 17.56 -2.50 -24.57
C ASN A 96 18.43 -1.26 -24.43
N ARG A 97 18.54 -0.48 -25.52
CA ARG A 97 19.42 0.69 -25.55
C ARG A 97 18.73 1.90 -24.93
N LYS A 98 17.54 1.66 -24.33
CA LYS A 98 16.81 2.72 -23.66
C LYS A 98 16.47 3.81 -24.68
N GLY A 99 15.94 3.37 -25.83
CA GLY A 99 15.35 4.28 -26.81
C GLY A 99 13.82 4.24 -26.77
N LEU A 100 13.23 5.34 -27.24
CA LEU A 100 11.79 5.51 -27.24
C LEU A 100 11.16 4.62 -28.31
N ILE A 101 10.02 4.02 -27.94
CA ILE A 101 9.15 3.31 -28.85
C ILE A 101 7.76 3.93 -28.76
N ALA A 102 7.23 4.32 -29.93
CA ALA A 102 5.96 5.03 -30.04
C ALA A 102 5.05 4.27 -30.98
N ALA A 103 3.83 3.98 -30.52
CA ALA A 103 2.87 3.21 -31.30
C ALA A 103 1.48 3.82 -31.19
N ILE A 104 0.77 3.89 -32.33
CA ILE A 104 -0.54 4.53 -32.36
C ILE A 104 -1.59 3.55 -32.89
N CYS A 105 -2.78 3.62 -32.28
CA CYS A 105 -4.03 3.01 -32.75
C CYS A 105 -4.00 1.48 -32.55
N ALA A 106 -3.80 0.71 -33.62
CA ALA A 106 -3.60 -0.72 -33.44
C ALA A 106 -2.11 -1.02 -33.27
N GLY A 107 -1.27 -0.04 -33.57
CA GLY A 107 0.19 -0.16 -33.53
C GLY A 107 0.68 -0.81 -32.25
N PRO A 108 0.17 -0.42 -31.07
CA PRO A 108 0.63 -0.99 -29.81
C PRO A 108 0.49 -2.50 -29.73
N THR A 109 -0.41 -3.07 -30.52
CA THR A 109 -0.62 -4.52 -30.47
C THR A 109 0.63 -5.29 -30.92
N ALA A 110 1.48 -4.65 -31.74
CA ALA A 110 2.74 -5.22 -32.17
C ALA A 110 3.68 -5.32 -30.97
N LEU A 111 3.55 -4.38 -30.02
CA LEU A 111 4.34 -4.42 -28.79
C LEU A 111 4.03 -5.73 -28.08
N LEU A 112 2.73 -6.06 -27.99
CA LEU A 112 2.30 -7.26 -27.30
C LEU A 112 2.86 -8.49 -28.01
N ALA A 113 2.78 -8.48 -29.34
CA ALA A 113 3.20 -9.61 -30.16
C ALA A 113 4.69 -9.88 -29.96
N HIS A 114 5.48 -8.82 -29.77
CA HIS A 114 6.92 -9.02 -29.64
C HIS A 114 7.37 -8.94 -28.19
N GLU A 115 6.43 -8.94 -27.24
CA GLU A 115 6.74 -8.96 -25.81
C GLU A 115 7.60 -7.74 -25.44
N ILE A 116 7.13 -6.57 -25.86
CA ILE A 116 7.81 -5.30 -25.65
C ILE A 116 7.09 -4.49 -24.58
N GLY A 117 7.86 -4.09 -23.54
CA GLY A 117 7.45 -3.10 -22.54
C GLY A 117 6.31 -3.60 -21.63
N PHE A 118 6.32 -4.91 -21.38
CA PHE A 118 5.33 -5.50 -20.51
C PHE A 118 5.34 -4.75 -19.17
N GLY A 119 4.15 -4.56 -18.58
CA GLY A 119 4.01 -3.87 -17.32
C GLY A 119 3.76 -2.37 -17.50
N SER A 120 3.81 -1.90 -18.77
CA SER A 120 3.68 -0.49 -19.08
C SER A 120 2.20 -0.07 -19.10
N LYS A 121 1.95 1.19 -18.72
CA LYS A 121 0.68 1.84 -18.96
C LYS A 121 0.62 2.22 -20.44
N VAL A 122 -0.46 1.80 -21.11
CA VAL A 122 -0.60 1.97 -22.54
C VAL A 122 -2.02 2.43 -22.85
N THR A 123 -2.19 3.09 -24.00
CA THR A 123 -3.49 3.26 -24.63
C THR A 123 -3.44 2.67 -26.04
N THR A 124 -4.62 2.45 -26.62
CA THR A 124 -4.78 1.98 -27.98
C THR A 124 -6.07 2.56 -28.52
N HIS A 125 -6.36 2.25 -29.80
CA HIS A 125 -7.70 2.49 -30.27
C HIS A 125 -8.65 1.74 -29.35
N PRO A 126 -9.82 2.31 -29.03
CA PRO A 126 -10.82 1.58 -28.25
C PRO A 126 -11.05 0.14 -28.74
N LEU A 127 -11.02 -0.05 -30.07
CA LEU A 127 -11.35 -1.32 -30.68
C LEU A 127 -10.26 -2.37 -30.41
N ALA A 128 -9.06 -1.90 -30.05
CA ALA A 128 -7.86 -2.73 -29.99
C ALA A 128 -7.51 -3.03 -28.55
N LYS A 129 -8.31 -2.49 -27.61
CA LYS A 129 -8.09 -2.67 -26.18
C LYS A 129 -8.08 -4.15 -25.86
N ASP A 130 -9.09 -4.90 -26.36
CA ASP A 130 -9.31 -6.32 -26.13
C ASP A 130 -8.04 -7.12 -26.44
N LYS A 131 -7.53 -6.87 -27.66
CA LYS A 131 -6.34 -7.56 -28.14
C LYS A 131 -5.14 -7.18 -27.27
N MET A 132 -5.01 -5.90 -26.94
CA MET A 132 -3.85 -5.40 -26.21
C MET A 132 -3.82 -5.96 -24.79
N MET A 133 -5.00 -6.11 -24.19
CA MET A 133 -5.12 -6.48 -22.79
C MET A 133 -5.15 -8.00 -22.64
N ASN A 134 -5.08 -8.73 -23.74
CA ASN A 134 -5.01 -10.18 -23.74
C ASN A 134 -3.74 -10.64 -23.03
N GLY A 135 -3.91 -11.20 -21.83
CA GLY A 135 -2.83 -11.68 -21.00
C GLY A 135 -2.53 -10.77 -19.81
N GLY A 136 -3.09 -9.56 -19.83
CA GLY A 136 -2.90 -8.57 -18.77
C GLY A 136 -1.43 -8.18 -18.60
N HIS A 137 -0.75 -7.91 -19.73
CA HIS A 137 0.66 -7.60 -19.73
C HIS A 137 0.89 -6.10 -19.71
N TYR A 138 -0.22 -5.35 -19.69
CA TYR A 138 -0.18 -3.89 -19.59
C TYR A 138 -1.27 -3.41 -18.61
N THR A 139 -1.13 -2.15 -18.18
CA THR A 139 -2.24 -1.41 -17.61
C THR A 139 -2.78 -0.47 -18.67
N TYR A 140 -4.11 -0.45 -18.80
CA TYR A 140 -4.73 0.31 -19.88
C TYR A 140 -5.04 1.74 -19.43
N SER A 141 -4.95 2.69 -20.39
CA SER A 141 -5.17 4.11 -20.15
C SER A 141 -6.14 4.67 -21.18
N GLU A 142 -6.99 5.62 -20.76
CA GLU A 142 -7.97 6.27 -21.61
C GLU A 142 -7.46 7.60 -22.18
N ASN A 143 -6.27 8.00 -21.77
CA ASN A 143 -5.67 9.23 -22.24
C ASN A 143 -5.42 9.18 -23.73
N ARG A 144 -5.58 10.34 -24.36
CA ARG A 144 -5.42 10.47 -25.81
C ARG A 144 -4.00 10.11 -26.22
N VAL A 145 -3.04 10.57 -25.40
CA VAL A 145 -1.66 10.13 -25.49
C VAL A 145 -1.21 9.62 -24.13
N GLU A 146 -0.48 8.50 -24.14
CA GLU A 146 0.08 7.92 -22.93
C GLU A 146 1.60 7.77 -23.10
N LYS A 147 2.36 8.24 -22.11
CA LYS A 147 3.77 7.97 -22.05
C LYS A 147 4.13 7.41 -20.68
N ASP A 148 4.63 6.16 -20.68
CA ASP A 148 5.15 5.50 -19.50
C ASP A 148 6.59 5.06 -19.76
N GLY A 149 7.53 5.87 -19.30
CA GLY A 149 8.95 5.64 -19.56
C GLY A 149 9.27 5.77 -21.06
N LEU A 150 9.69 4.66 -21.70
CA LEU A 150 10.12 4.68 -23.10
C LEU A 150 9.05 4.05 -23.99
N ILE A 151 7.83 3.94 -23.47
CA ILE A 151 6.71 3.42 -24.21
C ILE A 151 5.66 4.52 -24.34
N LEU A 152 5.51 5.01 -25.57
CA LEU A 152 4.58 6.08 -25.84
C LEU A 152 3.48 5.57 -26.80
N THR A 153 2.22 5.69 -26.39
CA THR A 153 1.09 5.15 -27.15
C THR A 153 0.01 6.21 -27.35
N SER A 154 -0.86 5.97 -28.34
CA SER A 154 -1.94 6.88 -28.66
C SER A 154 -3.07 6.13 -29.34
N ARG A 155 -4.18 6.80 -29.63
CA ARG A 155 -5.44 6.09 -29.81
C ARG A 155 -5.91 5.92 -31.27
N GLY A 156 -5.69 6.92 -32.12
CA GLY A 156 -6.27 6.80 -33.45
C GLY A 156 -5.90 7.95 -34.38
N PRO A 157 -6.43 7.95 -35.62
CA PRO A 157 -6.16 9.03 -36.57
C PRO A 157 -6.35 10.40 -35.92
N GLY A 158 -7.39 10.52 -35.10
CA GLY A 158 -7.78 11.78 -34.48
C GLY A 158 -6.87 12.22 -33.33
N THR A 159 -5.95 11.33 -32.92
CA THR A 159 -4.97 11.69 -31.90
C THR A 159 -3.56 11.79 -32.51
N SER A 160 -3.47 11.72 -33.84
CA SER A 160 -2.18 11.60 -34.52
C SER A 160 -1.28 12.81 -34.29
N PHE A 161 -1.88 14.00 -34.34
CA PHE A 161 -1.10 15.19 -34.13
C PHE A 161 -0.55 15.21 -32.70
N GLU A 162 -1.39 14.86 -31.72
CA GLU A 162 -1.00 14.86 -30.31
C GLU A 162 0.11 13.85 -30.07
N PHE A 163 -0.02 12.68 -30.70
CA PHE A 163 0.95 11.61 -30.63
C PHE A 163 2.29 12.14 -31.15
N ALA A 164 2.25 12.70 -32.37
CA ALA A 164 3.45 13.22 -33.03
C ALA A 164 4.12 14.31 -32.19
N LEU A 165 3.32 15.23 -31.63
CA LEU A 165 3.88 16.31 -30.86
C LEU A 165 4.46 15.82 -29.53
N ALA A 166 3.92 14.70 -29.02
CA ALA A 166 4.45 14.10 -27.81
C ALA A 166 5.83 13.51 -28.09
N ILE A 167 6.02 12.95 -29.29
CA ILE A 167 7.31 12.44 -29.71
C ILE A 167 8.30 13.58 -29.84
N VAL A 168 7.87 14.68 -30.47
CA VAL A 168 8.73 15.85 -30.61
C VAL A 168 9.18 16.31 -29.22
N GLU A 169 8.25 16.36 -28.26
CA GLU A 169 8.55 16.85 -26.93
C GLU A 169 9.55 15.94 -26.22
N ALA A 170 9.35 14.64 -26.42
CA ALA A 170 10.24 13.64 -25.83
C ALA A 170 11.64 13.76 -26.41
N LEU A 171 11.78 14.07 -27.71
CA LEU A 171 13.09 14.05 -28.34
C LEU A 171 13.74 15.41 -28.21
N ASN A 172 12.96 16.47 -28.42
CA ASN A 172 13.51 17.78 -28.70
C ASN A 172 13.16 18.80 -27.61
N GLY A 173 12.29 18.43 -26.66
CA GLY A 173 11.92 19.32 -25.57
C GLY A 173 10.65 20.12 -25.83
N LYS A 174 10.12 20.76 -24.78
CA LYS A 174 8.81 21.39 -24.82
C LYS A 174 8.78 22.56 -25.81
N GLU A 175 9.86 23.34 -25.80
CA GLU A 175 9.87 24.60 -26.53
C GLU A 175 9.78 24.30 -28.03
N VAL A 176 10.55 23.30 -28.49
CA VAL A 176 10.53 22.90 -29.88
C VAL A 176 9.12 22.43 -30.27
N ALA A 177 8.49 21.63 -29.40
CA ALA A 177 7.17 21.08 -29.67
C ALA A 177 6.17 22.20 -29.86
N ALA A 178 6.25 23.19 -28.97
CA ALA A 178 5.36 24.34 -29.01
C ALA A 178 5.55 25.11 -30.33
N GLN A 179 6.80 25.30 -30.74
CA GLN A 179 7.11 26.00 -31.98
C GLN A 179 6.43 25.29 -33.15
N VAL A 180 6.61 23.96 -33.24
CA VAL A 180 6.13 23.15 -34.34
C VAL A 180 4.60 23.17 -34.36
N LYS A 181 4.00 23.10 -33.17
CA LYS A 181 2.56 23.05 -32.98
C LYS A 181 1.90 24.30 -33.54
N ALA A 182 2.50 25.46 -33.27
CA ALA A 182 1.82 26.74 -33.46
C ALA A 182 1.18 26.80 -34.85
N PRO A 183 1.94 26.61 -35.96
CA PRO A 183 1.38 26.80 -37.29
C PRO A 183 0.51 25.63 -37.77
N LEU A 184 0.28 24.64 -36.91
CA LEU A 184 -0.48 23.48 -37.35
C LEU A 184 -1.98 23.76 -37.28
N VAL A 185 -2.37 24.87 -36.65
CA VAL A 185 -3.75 25.31 -36.51
C VAL A 185 -4.56 24.22 -35.81
N LEU A 186 -4.03 23.68 -34.70
CA LEU A 186 -4.72 22.62 -33.99
C LEU A 186 -5.73 23.22 -33.03
N LYS A 187 -6.70 22.37 -32.60
CA LYS A 187 -7.73 22.72 -31.61
C LYS A 187 -7.28 22.25 -30.23
N ALA B 1 -24.92 4.23 -56.79
CA ALA B 1 -23.84 4.89 -57.62
C ALA B 1 -23.07 5.93 -56.80
N SER B 2 -21.78 5.67 -56.59
CA SER B 2 -20.97 6.34 -55.58
C SER B 2 -20.83 7.82 -55.92
N LYS B 3 -20.75 8.68 -54.90
CA LYS B 3 -20.24 10.02 -55.14
C LYS B 3 -18.73 9.97 -55.41
N ARG B 4 -18.19 10.98 -56.12
CA ARG B 4 -16.84 10.96 -56.68
C ARG B 4 -16.10 12.26 -56.36
N ALA B 5 -14.82 12.13 -56.02
CA ALA B 5 -13.96 13.25 -55.67
C ALA B 5 -12.68 13.21 -56.48
N LEU B 6 -12.25 14.38 -56.96
CA LEU B 6 -10.96 14.55 -57.58
C LEU B 6 -10.05 15.34 -56.63
N VAL B 7 -8.92 14.73 -56.27
CA VAL B 7 -7.90 15.40 -55.48
C VAL B 7 -6.69 15.64 -56.38
N ILE B 8 -6.37 16.92 -56.59
CA ILE B 8 -5.28 17.31 -57.49
C ILE B 8 -3.97 17.44 -56.70
N LEU B 9 -3.01 16.55 -57.03
CA LEU B 9 -1.79 16.40 -56.27
C LEU B 9 -0.61 16.93 -57.06
N ALA B 10 -0.05 18.06 -56.57
CA ALA B 10 1.05 18.78 -57.20
C ALA B 10 2.31 18.66 -56.34
N LYS B 11 3.45 18.80 -57.00
CA LYS B 11 4.71 18.82 -56.29
C LYS B 11 4.72 19.94 -55.26
N GLY B 12 5.16 19.60 -54.04
CA GLY B 12 5.21 20.59 -52.96
C GLY B 12 3.90 20.72 -52.17
N ALA B 13 2.90 19.88 -52.50
CA ALA B 13 1.65 19.79 -51.76
C ALA B 13 1.92 19.39 -50.31
N GLU B 14 1.13 19.94 -49.40
CA GLU B 14 1.20 19.49 -48.01
C GLU B 14 0.59 18.10 -47.95
N GLU B 15 1.39 17.12 -47.55
CA GLU B 15 1.00 15.73 -47.64
C GLU B 15 -0.11 15.37 -46.65
N MET B 16 -0.17 16.05 -45.50
CA MET B 16 -1.21 15.81 -44.52
C MET B 16 -2.55 16.33 -45.04
N GLU B 17 -2.54 17.47 -45.73
CA GLU B 17 -3.74 18.07 -46.30
C GLU B 17 -4.20 17.30 -47.55
N THR B 18 -3.34 16.42 -48.08
CA THR B 18 -3.67 15.55 -49.20
C THR B 18 -4.25 14.25 -48.67
N VAL B 19 -3.51 13.60 -47.77
CA VAL B 19 -3.77 12.23 -47.33
C VAL B 19 -5.02 12.19 -46.44
N ILE B 20 -5.16 13.16 -45.53
CA ILE B 20 -6.30 13.16 -44.60
C ILE B 20 -7.60 13.18 -45.41
N PRO B 21 -7.84 14.15 -46.33
CA PRO B 21 -9.08 14.14 -47.11
C PRO B 21 -9.28 12.90 -47.96
N VAL B 22 -8.22 12.37 -48.58
CA VAL B 22 -8.34 11.17 -49.41
C VAL B 22 -8.87 10.01 -48.56
N ASP B 23 -8.20 9.82 -47.40
CA ASP B 23 -8.47 8.72 -46.49
C ASP B 23 -9.90 8.82 -45.96
N VAL B 24 -10.20 9.99 -45.37
CA VAL B 24 -11.48 10.28 -44.74
C VAL B 24 -12.61 10.12 -45.77
N MET B 25 -12.39 10.62 -46.98
CA MET B 25 -13.43 10.53 -47.98
C MET B 25 -13.64 9.08 -48.39
N ARG B 26 -12.55 8.30 -48.46
CA ARG B 26 -12.65 6.90 -48.82
C ARG B 26 -13.39 6.14 -47.73
N ARG B 27 -13.17 6.53 -46.47
CA ARG B 27 -13.91 5.93 -45.38
C ARG B 27 -15.42 6.20 -45.54
N ALA B 28 -15.78 7.30 -46.21
CA ALA B 28 -17.17 7.68 -46.39
C ALA B 28 -17.81 6.99 -47.59
N GLY B 29 -17.04 6.18 -48.31
CA GLY B 29 -17.57 5.49 -49.47
C GLY B 29 -17.58 6.38 -50.72
N ILE B 30 -16.82 7.48 -50.69
CA ILE B 30 -16.61 8.30 -51.88
C ILE B 30 -15.56 7.61 -52.75
N LYS B 31 -15.79 7.61 -54.07
CA LYS B 31 -14.76 7.18 -54.98
C LYS B 31 -13.80 8.33 -55.22
N VAL B 32 -12.59 8.20 -54.68
CA VAL B 32 -11.61 9.27 -54.77
C VAL B 32 -10.60 8.91 -55.84
N THR B 33 -10.34 9.88 -56.72
CA THR B 33 -9.24 9.81 -57.66
C THR B 33 -8.16 10.81 -57.26
N VAL B 34 -6.98 10.29 -56.92
CA VAL B 34 -5.83 11.14 -56.66
C VAL B 34 -5.12 11.36 -58.00
N ALA B 35 -5.22 12.58 -58.52
CA ALA B 35 -4.73 12.90 -59.85
C ALA B 35 -3.44 13.73 -59.77
N GLY B 36 -2.37 13.18 -60.36
CA GLY B 36 -1.09 13.87 -60.42
C GLY B 36 -1.14 15.00 -61.46
N LEU B 37 -0.89 16.22 -60.99
CA LEU B 37 -0.97 17.41 -61.83
C LEU B 37 -0.14 17.24 -63.11
N ALA B 38 1.09 16.73 -62.99
CA ALA B 38 1.94 16.56 -64.17
C ALA B 38 2.21 15.07 -64.36
N GLY B 39 1.13 14.31 -64.30
CA GLY B 39 1.19 12.93 -64.82
C GLY B 39 1.05 11.88 -63.73
N LYS B 40 1.41 10.65 -64.07
CA LYS B 40 1.21 9.49 -63.20
C LYS B 40 2.42 9.28 -62.28
N ASP B 41 3.47 10.09 -62.48
CA ASP B 41 4.72 10.03 -61.75
C ASP B 41 4.49 10.23 -60.26
N PRO B 42 5.30 9.57 -59.40
CA PRO B 42 5.26 9.83 -57.96
C PRO B 42 5.53 11.31 -57.64
N VAL B 43 4.82 11.82 -56.62
CA VAL B 43 4.80 13.24 -56.29
C VAL B 43 5.50 13.44 -54.96
N GLN B 44 6.55 14.26 -54.98
CA GLN B 44 7.24 14.66 -53.77
C GLN B 44 6.49 15.82 -53.13
N CYS B 45 6.06 15.58 -51.89
CA CYS B 45 5.30 16.57 -51.13
C CYS B 45 6.23 17.49 -50.32
N SER B 46 5.61 18.43 -49.59
CA SER B 46 6.31 19.51 -48.90
C SER B 46 7.35 18.96 -47.91
N ARG B 47 7.02 17.86 -47.22
CA ARG B 47 7.92 17.23 -46.26
C ARG B 47 8.40 15.86 -46.75
N ASP B 48 8.50 15.73 -48.08
CA ASP B 48 9.21 14.67 -48.78
C ASP B 48 8.49 13.33 -48.69
N VAL B 49 7.24 13.31 -48.19
CA VAL B 49 6.40 12.14 -48.39
C VAL B 49 6.12 12.01 -49.89
N VAL B 50 6.35 10.81 -50.44
CA VAL B 50 6.22 10.61 -51.88
C VAL B 50 5.00 9.73 -52.15
N ILE B 51 4.02 10.31 -52.84
CA ILE B 51 2.73 9.67 -53.03
C ILE B 51 2.59 9.36 -54.51
N CYS B 52 2.17 8.12 -54.80
CA CYS B 52 1.87 7.71 -56.17
C CYS B 52 0.40 8.01 -56.50
N PRO B 53 0.15 8.88 -57.49
CA PRO B 53 -1.24 9.22 -57.85
C PRO B 53 -1.87 7.99 -58.49
N ASP B 54 -3.22 7.97 -58.52
CA ASP B 54 -3.98 6.88 -59.12
C ASP B 54 -3.88 6.97 -60.64
N ALA B 55 -3.76 8.21 -61.14
CA ALA B 55 -3.64 8.52 -62.55
C ALA B 55 -3.16 9.96 -62.71
N SER B 56 -2.86 10.29 -63.97
CA SER B 56 -2.61 11.67 -64.39
C SER B 56 -3.91 12.48 -64.30
N LEU B 57 -3.77 13.80 -64.13
CA LEU B 57 -4.93 14.68 -64.18
C LEU B 57 -5.60 14.56 -65.53
N GLU B 58 -4.78 14.45 -66.60
CA GLU B 58 -5.24 14.25 -67.96
C GLU B 58 -6.33 13.17 -67.99
N ASP B 59 -5.97 11.98 -67.50
CA ASP B 59 -6.82 10.80 -67.56
C ASP B 59 -8.00 10.95 -66.59
N ALA B 60 -7.73 11.51 -65.41
CA ALA B 60 -8.77 11.65 -64.40
C ALA B 60 -9.89 12.55 -64.93
N LYS B 61 -9.48 13.61 -65.64
CA LYS B 61 -10.40 14.61 -66.16
C LYS B 61 -11.40 13.94 -67.09
N LYS B 62 -10.91 12.95 -67.85
CA LYS B 62 -11.70 12.27 -68.85
C LYS B 62 -12.79 11.42 -68.20
N GLU B 63 -12.59 11.03 -66.93
CA GLU B 63 -13.51 10.19 -66.18
C GLU B 63 -14.50 11.01 -65.36
N GLY B 64 -14.44 12.35 -65.50
CA GLY B 64 -15.31 13.26 -64.78
C GLY B 64 -16.75 13.28 -65.30
N PRO B 65 -17.67 14.08 -64.72
CA PRO B 65 -17.34 15.11 -63.73
C PRO B 65 -17.29 14.57 -62.30
N TYR B 66 -16.75 15.37 -61.37
CA TYR B 66 -16.68 14.95 -59.98
C TYR B 66 -17.62 15.79 -59.11
N ASP B 67 -18.10 15.19 -58.02
CA ASP B 67 -18.99 15.85 -57.07
C ASP B 67 -18.23 16.89 -56.25
N VAL B 68 -16.91 16.70 -56.12
CA VAL B 68 -16.04 17.70 -55.49
C VAL B 68 -14.67 17.67 -56.17
N VAL B 69 -14.08 18.86 -56.31
CA VAL B 69 -12.68 19.02 -56.65
C VAL B 69 -11.98 19.59 -55.42
N VAL B 70 -10.94 18.89 -54.99
CA VAL B 70 -10.20 19.19 -53.77
C VAL B 70 -8.81 19.72 -54.13
N LEU B 71 -8.49 20.90 -53.58
CA LEU B 71 -7.17 21.47 -53.70
C LEU B 71 -6.47 21.41 -52.35
N PRO B 72 -5.46 20.52 -52.17
CA PRO B 72 -4.61 20.56 -50.99
C PRO B 72 -3.78 21.84 -51.04
N GLY B 73 -3.18 22.18 -49.90
CA GLY B 73 -2.32 23.34 -49.78
C GLY B 73 -0.85 22.99 -49.87
N GLY B 74 -0.04 23.70 -49.08
CA GLY B 74 1.39 23.75 -49.31
C GLY B 74 1.73 24.92 -50.24
N ASN B 75 2.73 25.74 -49.89
CA ASN B 75 2.98 26.98 -50.61
C ASN B 75 3.29 26.68 -52.08
N LEU B 76 4.24 25.79 -52.33
CA LEU B 76 4.66 25.37 -53.66
C LEU B 76 3.55 24.57 -54.37
N GLY B 77 2.92 23.67 -53.63
CA GLY B 77 1.79 22.94 -54.16
C GLY B 77 0.75 23.88 -54.76
N ALA B 78 0.36 24.90 -53.98
CA ALA B 78 -0.66 25.87 -54.36
C ALA B 78 -0.17 26.71 -55.54
N GLN B 79 1.13 27.04 -55.55
CA GLN B 79 1.72 27.79 -56.65
C GLN B 79 1.57 26.97 -57.93
N ASN B 80 1.84 25.67 -57.82
CA ASN B 80 1.78 24.79 -58.97
C ASN B 80 0.34 24.70 -59.50
N LEU B 81 -0.65 24.60 -58.59
CA LEU B 81 -2.05 24.57 -58.99
C LEU B 81 -2.41 25.88 -59.67
N SER B 82 -1.90 26.99 -59.13
CA SER B 82 -2.19 28.35 -59.58
C SER B 82 -1.72 28.62 -61.00
N GLU B 83 -0.70 27.86 -61.44
CA GLU B 83 -0.02 28.10 -62.71
C GLU B 83 -0.56 27.16 -63.80
N SER B 84 -1.42 26.21 -63.41
CA SER B 84 -1.88 25.18 -64.34
C SER B 84 -3.16 25.63 -65.04
N ALA B 85 -3.09 25.66 -66.38
CA ALA B 85 -4.23 25.97 -67.24
C ALA B 85 -5.27 24.86 -67.14
N ALA B 86 -4.81 23.62 -66.98
CA ALA B 86 -5.69 22.49 -66.82
C ALA B 86 -6.52 22.66 -65.55
N VAL B 87 -5.90 23.14 -64.47
CA VAL B 87 -6.59 23.31 -63.21
C VAL B 87 -7.64 24.38 -63.40
N LYS B 88 -7.26 25.48 -64.06
CA LYS B 88 -8.18 26.58 -64.32
C LYS B 88 -9.44 26.06 -65.01
N GLU B 89 -9.26 25.24 -66.05
CA GLU B 89 -10.34 24.70 -66.86
C GLU B 89 -11.28 23.90 -65.97
N ILE B 90 -10.71 23.02 -65.13
CA ILE B 90 -11.43 22.11 -64.24
C ILE B 90 -12.26 22.91 -63.23
N LEU B 91 -11.67 23.95 -62.64
CA LEU B 91 -12.36 24.74 -61.63
C LEU B 91 -13.47 25.57 -62.28
N LYS B 92 -13.17 26.17 -63.44
CA LYS B 92 -14.16 26.96 -64.14
C LYS B 92 -15.38 26.09 -64.41
N GLU B 93 -15.15 24.88 -64.95
CA GLU B 93 -16.20 23.96 -65.36
C GLU B 93 -16.99 23.47 -64.14
N GLN B 94 -16.29 23.25 -62.99
CA GLN B 94 -16.93 22.77 -61.78
C GLN B 94 -17.83 23.84 -61.19
N GLU B 95 -17.36 25.09 -61.22
CA GLU B 95 -18.11 26.24 -60.74
C GLU B 95 -19.37 26.41 -61.59
N ASN B 96 -19.18 26.20 -62.89
CA ASN B 96 -20.22 26.30 -63.90
C ASN B 96 -21.33 25.28 -63.67
N ARG B 97 -20.96 24.02 -63.42
CA ARG B 97 -21.93 22.94 -63.29
C ARG B 97 -22.47 22.90 -61.85
N LYS B 98 -22.11 23.90 -61.05
CA LYS B 98 -22.59 23.99 -59.69
C LYS B 98 -22.15 22.74 -58.92
N GLY B 99 -20.85 22.43 -59.05
CA GLY B 99 -20.21 21.41 -58.25
C GLY B 99 -19.35 22.01 -57.14
N LEU B 100 -19.09 21.19 -56.11
CA LEU B 100 -18.36 21.65 -54.93
C LEU B 100 -16.88 21.79 -55.26
N ILE B 101 -16.27 22.87 -54.75
CA ILE B 101 -14.83 23.08 -54.78
C ILE B 101 -14.36 23.31 -53.35
N ALA B 102 -13.37 22.51 -52.93
CA ALA B 102 -12.87 22.54 -51.57
C ALA B 102 -11.35 22.76 -51.61
N ALA B 103 -10.89 23.74 -50.83
CA ALA B 103 -9.47 24.11 -50.80
C ALA B 103 -9.03 24.38 -49.37
N ILE B 104 -7.84 23.87 -49.01
CA ILE B 104 -7.35 23.99 -47.64
C ILE B 104 -5.97 24.66 -47.64
N CYS B 105 -5.78 25.52 -46.62
CA CYS B 105 -4.50 26.09 -46.21
C CYS B 105 -4.03 27.15 -47.21
N ALA B 106 -3.05 26.82 -48.07
CA ALA B 106 -2.69 27.74 -49.16
C ALA B 106 -3.53 27.46 -50.40
N GLY B 107 -4.21 26.31 -50.40
CA GLY B 107 -5.00 25.84 -51.52
C GLY B 107 -5.92 26.91 -52.08
N PRO B 108 -6.66 27.64 -51.23
CA PRO B 108 -7.60 28.65 -51.71
C PRO B 108 -6.96 29.71 -52.61
N THR B 109 -5.65 29.90 -52.49
CA THR B 109 -4.98 30.92 -53.30
C THR B 109 -5.06 30.61 -54.80
N ALA B 110 -5.21 29.31 -55.13
CA ALA B 110 -5.39 28.88 -56.51
C ALA B 110 -6.75 29.34 -57.01
N LEU B 111 -7.73 29.44 -56.09
CA LEU B 111 -9.04 29.96 -56.46
C LEU B 111 -8.86 31.37 -56.99
N LEU B 112 -8.06 32.17 -56.28
CA LEU B 112 -7.82 33.56 -56.64
C LEU B 112 -7.15 33.62 -58.00
N ALA B 113 -6.13 32.77 -58.19
CA ALA B 113 -5.34 32.75 -59.39
C ALA B 113 -6.22 32.45 -60.61
N HIS B 114 -7.22 31.59 -60.42
CA HIS B 114 -8.04 31.21 -61.57
C HIS B 114 -9.38 31.93 -61.57
N GLU B 115 -9.54 32.95 -60.71
CA GLU B 115 -10.74 33.79 -60.68
C GLU B 115 -11.98 32.93 -60.42
N ILE B 116 -11.87 32.11 -59.36
CA ILE B 116 -12.92 31.19 -58.96
C ILE B 116 -13.61 31.71 -57.70
N GLY B 117 -14.95 31.83 -57.76
CA GLY B 117 -15.81 32.03 -56.60
C GLY B 117 -15.65 33.41 -55.97
N PHE B 118 -15.33 34.39 -56.81
CA PHE B 118 -15.16 35.74 -56.32
C PHE B 118 -16.43 36.16 -55.58
N GLY B 119 -16.24 36.92 -54.50
CA GLY B 119 -17.34 37.40 -53.68
C GLY B 119 -17.67 36.44 -52.54
N SER B 120 -16.98 35.28 -52.50
CA SER B 120 -17.23 34.24 -51.52
C SER B 120 -16.56 34.58 -50.19
N LYS B 121 -17.20 34.13 -49.09
CA LYS B 121 -16.57 34.08 -47.78
C LYS B 121 -15.62 32.90 -47.78
N VAL B 122 -14.36 33.19 -47.43
CA VAL B 122 -13.31 32.20 -47.49
C VAL B 122 -12.47 32.28 -46.22
N THR B 123 -11.85 31.15 -45.86
CA THR B 123 -10.72 31.15 -44.94
C THR B 123 -9.50 30.56 -45.65
N THR B 124 -8.33 30.80 -45.05
CA THR B 124 -7.06 30.24 -45.51
C THR B 124 -6.18 30.05 -44.29
N HIS B 125 -4.98 29.49 -44.51
CA HIS B 125 -3.99 29.58 -43.47
C HIS B 125 -3.81 31.04 -43.14
N PRO B 126 -3.61 31.41 -41.86
CA PRO B 126 -3.30 32.79 -41.50
C PRO B 126 -2.21 33.41 -42.39
N LEU B 127 -1.20 32.62 -42.77
CA LEU B 127 -0.05 33.09 -43.51
C LEU B 127 -0.43 33.48 -44.95
N ALA B 128 -1.58 32.97 -45.41
CA ALA B 128 -1.96 33.06 -46.83
C ALA B 128 -3.05 34.11 -47.00
N LYS B 129 -3.48 34.71 -45.88
CA LYS B 129 -4.58 35.68 -45.89
C LYS B 129 -4.25 36.82 -46.85
N ASP B 130 -3.03 37.40 -46.73
CA ASP B 130 -2.63 38.59 -47.49
C ASP B 130 -2.70 38.32 -48.98
N LYS B 131 -2.18 37.18 -49.39
CA LYS B 131 -2.20 36.79 -50.79
C LYS B 131 -3.64 36.58 -51.25
N MET B 132 -4.47 35.94 -50.43
CA MET B 132 -5.84 35.63 -50.79
C MET B 132 -6.70 36.89 -50.91
N MET B 133 -6.41 37.87 -50.06
CA MET B 133 -7.21 39.07 -49.97
C MET B 133 -6.74 40.14 -50.96
N ASN B 134 -5.68 39.83 -51.72
CA ASN B 134 -5.14 40.70 -52.75
C ASN B 134 -6.21 40.94 -53.82
N GLY B 135 -6.72 42.17 -53.85
CA GLY B 135 -7.74 42.61 -54.79
C GLY B 135 -9.12 42.74 -54.16
N GLY B 136 -9.27 42.20 -52.94
CA GLY B 136 -10.54 42.22 -52.23
C GLY B 136 -11.64 41.47 -52.96
N HIS B 137 -11.31 40.27 -53.48
CA HIS B 137 -12.24 39.50 -54.27
C HIS B 137 -12.98 38.48 -53.41
N TYR B 138 -12.64 38.48 -52.12
CA TYR B 138 -13.32 37.64 -51.12
C TYR B 138 -13.55 38.43 -49.84
N THR B 139 -14.47 37.92 -49.00
CA THR B 139 -14.51 38.30 -47.61
C THR B 139 -13.85 37.21 -46.77
N TYR B 140 -13.02 37.63 -45.82
CA TYR B 140 -12.23 36.69 -45.06
C TYR B 140 -12.96 36.21 -43.81
N SER B 141 -12.70 34.94 -43.43
CA SER B 141 -13.34 34.27 -42.30
C SER B 141 -12.26 33.61 -41.43
N GLU B 142 -12.49 33.62 -40.11
CA GLU B 142 -11.56 33.05 -39.14
C GLU B 142 -12.00 31.64 -38.72
N ASN B 143 -13.14 31.18 -39.24
CA ASN B 143 -13.63 29.85 -38.91
C ASN B 143 -12.67 28.79 -39.43
N ARG B 144 -12.58 27.71 -38.66
CA ARG B 144 -11.71 26.58 -38.96
C ARG B 144 -12.07 25.97 -40.31
N VAL B 145 -13.39 25.83 -40.54
CA VAL B 145 -13.92 25.48 -41.84
C VAL B 145 -14.95 26.52 -42.25
N GLU B 146 -14.92 26.92 -43.53
CA GLU B 146 -15.86 27.87 -44.08
C GLU B 146 -16.53 27.25 -45.31
N LYS B 147 -17.86 27.31 -45.35
CA LYS B 147 -18.61 26.91 -46.53
C LYS B 147 -19.57 28.04 -46.92
N ASP B 148 -19.34 28.59 -48.11
CA ASP B 148 -20.19 29.61 -48.71
C ASP B 148 -20.64 29.11 -50.08
N GLY B 149 -21.85 28.55 -50.13
CA GLY B 149 -22.36 27.90 -51.34
C GLY B 149 -21.53 26.67 -51.68
N LEU B 150 -20.88 26.70 -52.85
CA LEU B 150 -20.12 25.56 -53.36
C LEU B 150 -18.62 25.82 -53.24
N ILE B 151 -18.26 26.77 -52.36
CA ILE B 151 -16.88 27.10 -52.09
C ILE B 151 -16.60 26.77 -50.63
N LEU B 152 -15.80 25.72 -50.43
CA LEU B 152 -15.51 25.26 -49.09
C LEU B 152 -14.02 25.39 -48.82
N THR B 153 -13.66 26.12 -47.74
CA THR B 153 -12.27 26.42 -47.44
C THR B 153 -11.94 26.06 -46.00
N SER B 154 -10.64 25.91 -45.72
CA SER B 154 -10.18 25.55 -44.39
C SER B 154 -8.76 26.04 -44.21
N ARG B 155 -8.18 25.88 -43.01
CA ARG B 155 -7.06 26.73 -42.62
C ARG B 155 -5.70 26.04 -42.65
N GLY B 156 -5.61 24.76 -42.29
CA GLY B 156 -4.27 24.21 -42.10
C GLY B 156 -4.27 22.73 -41.78
N PRO B 157 -3.08 22.12 -41.62
CA PRO B 157 -2.97 20.68 -41.32
C PRO B 157 -3.91 20.31 -40.17
N GLY B 158 -3.99 21.18 -39.16
CA GLY B 158 -4.75 20.92 -37.96
C GLY B 158 -6.27 21.03 -38.14
N THR B 159 -6.71 21.53 -39.31
CA THR B 159 -8.12 21.60 -39.62
C THR B 159 -8.50 20.58 -40.69
N SER B 160 -7.56 19.70 -41.06
CA SER B 160 -7.73 18.80 -42.21
C SER B 160 -8.89 17.82 -42.01
N PHE B 161 -9.00 17.30 -40.78
CA PHE B 161 -10.07 16.35 -40.49
C PHE B 161 -11.42 17.04 -40.63
N GLU B 162 -11.53 18.26 -40.08
CA GLU B 162 -12.77 19.03 -40.10
C GLU B 162 -13.16 19.38 -41.54
N PHE B 163 -12.15 19.75 -42.32
CA PHE B 163 -12.31 20.06 -43.73
C PHE B 163 -12.88 18.85 -44.44
N ALA B 164 -12.20 17.70 -44.28
CA ALA B 164 -12.58 16.46 -44.92
C ALA B 164 -13.99 16.04 -44.52
N LEU B 165 -14.34 16.15 -43.24
CA LEU B 165 -15.65 15.74 -42.76
C LEU B 165 -16.74 16.68 -43.26
N ALA B 166 -16.37 17.94 -43.52
CA ALA B 166 -17.31 18.90 -44.08
C ALA B 166 -17.63 18.52 -45.53
N ILE B 167 -16.62 18.01 -46.25
CA ILE B 167 -16.81 17.50 -47.61
C ILE B 167 -17.73 16.29 -47.58
N VAL B 168 -17.48 15.36 -46.66
CA VAL B 168 -18.31 14.17 -46.51
C VAL B 168 -19.76 14.59 -46.29
N GLU B 169 -19.96 15.58 -45.41
CA GLU B 169 -21.30 16.05 -45.06
C GLU B 169 -21.99 16.64 -46.30
N ALA B 170 -21.22 17.40 -47.07
CA ALA B 170 -21.75 18.04 -48.27
C ALA B 170 -22.15 16.99 -49.30
N LEU B 171 -21.39 15.90 -49.42
CA LEU B 171 -21.65 14.95 -50.49
C LEU B 171 -22.64 13.89 -50.03
N ASN B 172 -22.45 13.41 -48.79
CA ASN B 172 -23.08 12.18 -48.36
C ASN B 172 -24.08 12.39 -47.23
N GLY B 173 -24.15 13.60 -46.67
CA GLY B 173 -25.09 13.90 -45.60
C GLY B 173 -24.47 13.75 -44.20
N LYS B 174 -25.19 14.28 -43.19
CA LYS B 174 -24.66 14.38 -41.84
C LYS B 174 -24.42 13.01 -41.23
N GLU B 175 -25.35 12.09 -41.50
CA GLU B 175 -25.35 10.80 -40.83
C GLU B 175 -24.10 10.01 -41.21
N VAL B 176 -23.79 10.04 -42.51
CA VAL B 176 -22.59 9.37 -43.02
C VAL B 176 -21.34 9.98 -42.38
N ALA B 177 -21.30 11.32 -42.29
CA ALA B 177 -20.14 12.02 -41.76
C ALA B 177 -19.90 11.58 -40.32
N ALA B 178 -21.00 11.51 -39.55
CA ALA B 178 -20.94 11.12 -38.15
C ALA B 178 -20.39 9.69 -38.02
N GLN B 179 -20.87 8.79 -38.88
CA GLN B 179 -20.40 7.41 -38.89
C GLN B 179 -18.88 7.35 -39.08
N VAL B 180 -18.40 8.06 -40.09
CA VAL B 180 -17.00 8.07 -40.49
C VAL B 180 -16.15 8.67 -39.37
N LYS B 181 -16.67 9.73 -38.75
CA LYS B 181 -15.98 10.48 -37.71
C LYS B 181 -15.70 9.57 -36.51
N ALA B 182 -16.67 8.74 -36.14
CA ALA B 182 -16.64 8.06 -34.86
C ALA B 182 -15.27 7.42 -34.60
N PRO B 183 -14.74 6.54 -35.49
CA PRO B 183 -13.49 5.84 -35.21
C PRO B 183 -12.24 6.70 -35.40
N LEU B 184 -12.39 8.00 -35.70
CA LEU B 184 -11.22 8.82 -35.93
C LEU B 184 -10.58 9.28 -34.63
N VAL B 185 -11.32 9.12 -33.51
CA VAL B 185 -10.87 9.54 -32.18
C VAL B 185 -10.50 11.02 -32.20
N LEU B 186 -11.38 11.85 -32.78
CA LEU B 186 -11.21 13.30 -32.70
C LEU B 186 -11.79 13.75 -31.35
N LYS B 187 -11.38 14.94 -30.88
CA LYS B 187 -11.42 15.33 -29.46
C LYS B 187 -12.81 15.87 -29.02
N ALA C 1 -16.19 -1.68 -25.14
CA ALA C 1 -16.70 -0.86 -23.98
C ALA C 1 -16.54 -1.57 -22.63
N SER C 2 -15.66 -1.04 -21.77
CA SER C 2 -15.09 -1.79 -20.67
C SER C 2 -16.16 -2.09 -19.64
N LYS C 3 -16.07 -3.23 -18.97
CA LYS C 3 -16.81 -3.43 -17.73
C LYS C 3 -16.16 -2.57 -16.62
N ARG C 4 -16.95 -2.26 -15.56
CA ARG C 4 -16.54 -1.35 -14.49
C ARG C 4 -16.78 -1.99 -13.12
N ALA C 5 -15.83 -1.76 -12.20
CA ALA C 5 -15.88 -2.32 -10.86
C ALA C 5 -15.67 -1.21 -9.84
N LEU C 6 -16.46 -1.25 -8.77
CA LEU C 6 -16.28 -0.35 -7.64
C LEU C 6 -15.77 -1.15 -6.46
N VAL C 7 -14.59 -0.75 -5.95
CA VAL C 7 -14.00 -1.38 -4.79
C VAL C 7 -14.06 -0.35 -3.65
N ILE C 8 -14.81 -0.70 -2.59
CA ILE C 8 -15.03 0.21 -1.47
C ILE C 8 -13.97 -0.04 -0.40
N LEU C 9 -13.12 0.97 -0.18
CA LEU C 9 -11.93 0.85 0.66
C LEU C 9 -12.12 1.62 1.95
N ALA C 10 -12.22 0.87 3.06
CA ALA C 10 -12.45 1.42 4.39
C ALA C 10 -11.20 1.26 5.27
N LYS C 11 -11.07 2.13 6.26
CA LYS C 11 -10.00 2.01 7.23
C LYS C 11 -10.06 0.62 7.89
N GLY C 12 -8.89 -0.05 7.96
CA GLY C 12 -8.83 -1.36 8.58
C GLY C 12 -9.11 -2.51 7.60
N ALA C 13 -9.32 -2.18 6.31
CA ALA C 13 -9.47 -3.17 5.24
C ALA C 13 -8.22 -4.04 5.15
N GLU C 14 -8.43 -5.31 4.82
CA GLU C 14 -7.29 -6.17 4.57
C GLU C 14 -6.71 -5.77 3.22
N GLU C 15 -5.45 -5.34 3.22
CA GLU C 15 -4.85 -4.74 2.04
C GLU C 15 -4.61 -5.76 0.92
N MET C 16 -4.38 -7.03 1.27
CA MET C 16 -4.20 -8.08 0.27
C MET C 16 -5.52 -8.36 -0.46
N GLU C 17 -6.63 -8.36 0.29
CA GLU C 17 -7.95 -8.59 -0.26
C GLU C 17 -8.46 -7.38 -1.06
N THR C 18 -7.79 -6.23 -0.90
CA THR C 18 -8.09 -5.02 -1.66
C THR C 18 -7.29 -5.01 -2.95
N VAL C 19 -5.96 -5.15 -2.81
CA VAL C 19 -5.01 -4.90 -3.88
C VAL C 19 -5.07 -6.04 -4.92
N ILE C 20 -5.17 -7.30 -4.46
CA ILE C 20 -5.19 -8.42 -5.37
C ILE C 20 -6.37 -8.26 -6.35
N PRO C 21 -7.63 -8.08 -5.90
CA PRO C 21 -8.73 -7.90 -6.83
C PRO C 21 -8.61 -6.69 -7.74
N VAL C 22 -8.11 -5.56 -7.23
CA VAL C 22 -7.96 -4.36 -8.04
C VAL C 22 -7.00 -4.64 -9.20
N ASP C 23 -5.84 -5.23 -8.86
CA ASP C 23 -4.77 -5.52 -9.79
C ASP C 23 -5.27 -6.51 -10.86
N VAL C 24 -5.79 -7.65 -10.38
CA VAL C 24 -6.25 -8.74 -11.23
C VAL C 24 -7.35 -8.23 -12.16
N MET C 25 -8.28 -7.43 -11.62
CA MET C 25 -9.37 -6.93 -12.43
C MET C 25 -8.84 -5.98 -13.48
N ARG C 26 -7.83 -5.16 -13.12
CA ARG C 26 -7.25 -4.23 -14.07
C ARG C 26 -6.53 -5.00 -15.19
N ARG C 27 -5.91 -6.12 -14.82
CA ARG C 27 -5.30 -6.98 -15.82
C ARG C 27 -6.34 -7.51 -16.81
N ALA C 28 -7.60 -7.64 -16.36
CA ALA C 28 -8.67 -8.18 -17.19
C ALA C 28 -9.32 -7.11 -18.07
N GLY C 29 -8.82 -5.88 -17.98
CA GLY C 29 -9.39 -4.81 -18.79
C GLY C 29 -10.60 -4.17 -18.14
N ILE C 30 -10.86 -4.47 -16.87
CA ILE C 30 -11.95 -3.84 -16.13
C ILE C 30 -11.49 -2.46 -15.69
N LYS C 31 -12.38 -1.47 -15.83
CA LYS C 31 -12.12 -0.16 -15.28
C LYS C 31 -12.50 -0.16 -13.81
N VAL C 32 -11.47 -0.11 -12.95
CA VAL C 32 -11.69 -0.24 -11.51
C VAL C 32 -11.59 1.15 -10.90
N THR C 33 -12.58 1.47 -10.05
CA THR C 33 -12.52 2.64 -9.20
C THR C 33 -12.35 2.19 -7.75
N VAL C 34 -11.21 2.57 -7.16
CA VAL C 34 -11.00 2.36 -5.74
C VAL C 34 -11.55 3.58 -5.00
N ALA C 35 -12.67 3.34 -4.30
CA ALA C 35 -13.42 4.42 -3.68
C ALA C 35 -13.23 4.41 -2.15
N GLY C 36 -12.69 5.52 -1.63
CA GLY C 36 -12.49 5.69 -0.20
C GLY C 36 -13.82 5.94 0.50
N LEU C 37 -14.15 5.04 1.44
CA LEU C 37 -15.42 5.12 2.15
C LEU C 37 -15.64 6.50 2.76
N ALA C 38 -14.61 7.07 3.40
CA ALA C 38 -14.78 8.35 4.07
C ALA C 38 -14.07 9.47 3.33
N GLY C 39 -13.92 9.32 2.01
CA GLY C 39 -13.41 10.44 1.24
C GLY C 39 -12.18 10.04 0.45
N LYS C 40 -11.44 11.05 -0.01
CA LYS C 40 -10.33 10.88 -0.93
C LYS C 40 -9.02 10.66 -0.17
N ASP C 41 -9.09 10.77 1.18
CA ASP C 41 -7.94 10.64 2.06
C ASP C 41 -7.31 9.26 1.91
N PRO C 42 -5.96 9.18 2.05
CA PRO C 42 -5.27 7.89 2.13
C PRO C 42 -5.82 7.01 3.24
N VAL C 43 -5.89 5.70 2.95
CA VAL C 43 -6.57 4.74 3.82
C VAL C 43 -5.53 3.82 4.42
N GLN C 44 -5.49 3.80 5.75
CA GLN C 44 -4.66 2.89 6.50
C GLN C 44 -5.36 1.54 6.60
N CYS C 45 -4.70 0.52 6.05
CA CYS C 45 -5.22 -0.82 6.04
C CYS C 45 -4.81 -1.59 7.29
N SER C 46 -5.28 -2.85 7.38
CA SER C 46 -5.14 -3.67 8.58
C SER C 46 -3.67 -3.82 9.00
N ARG C 47 -2.76 -3.95 8.03
CA ARG C 47 -1.33 -4.10 8.30
C ARG C 47 -0.54 -2.88 7.84
N ASP C 48 -1.20 -1.71 7.89
CA ASP C 48 -0.60 -0.38 7.79
C ASP C 48 -0.09 -0.06 6.38
N VAL C 49 -0.45 -0.89 5.40
CA VAL C 49 -0.31 -0.46 4.02
C VAL C 49 -1.27 0.70 3.80
N VAL C 50 -0.76 1.81 3.23
CA VAL C 50 -1.57 3.02 3.07
C VAL C 50 -1.85 3.23 1.59
N ILE C 51 -3.13 3.16 1.22
CA ILE C 51 -3.55 3.16 -0.17
C ILE C 51 -4.32 4.44 -0.41
N CYS C 52 -3.96 5.14 -1.49
CA CYS C 52 -4.66 6.34 -1.91
C CYS C 52 -5.80 5.96 -2.86
N PRO C 53 -7.06 6.24 -2.47
CA PRO C 53 -8.20 5.90 -3.33
C PRO C 53 -8.16 6.79 -4.56
N ASP C 54 -8.85 6.35 -5.62
CA ASP C 54 -8.95 7.08 -6.87
C ASP C 54 -9.88 8.27 -6.69
N ALA C 55 -10.85 8.11 -5.78
CA ALA C 55 -11.76 9.18 -5.36
C ALA C 55 -12.50 8.75 -4.10
N SER C 56 -13.31 9.67 -3.58
CA SER C 56 -14.30 9.40 -2.56
C SER C 56 -15.40 8.49 -3.10
N LEU C 57 -16.03 7.74 -2.20
CA LEU C 57 -17.18 6.93 -2.57
C LEU C 57 -18.26 7.85 -3.12
N GLU C 58 -18.43 9.02 -2.47
CA GLU C 58 -19.37 10.05 -2.88
C GLU C 58 -19.29 10.25 -4.39
N ASP C 59 -18.09 10.59 -4.86
CA ASP C 59 -17.83 10.94 -6.26
C ASP C 59 -17.92 9.70 -7.15
N ALA C 60 -17.41 8.56 -6.66
CA ALA C 60 -17.42 7.35 -7.45
C ALA C 60 -18.85 6.93 -7.76
N LYS C 61 -19.73 7.09 -6.75
CA LYS C 61 -21.13 6.68 -6.85
C LYS C 61 -21.79 7.42 -8.01
N LYS C 62 -21.39 8.67 -8.20
CA LYS C 62 -22.00 9.55 -9.18
C LYS C 62 -21.64 9.10 -10.59
N GLU C 63 -20.53 8.36 -10.73
CA GLU C 63 -20.04 7.89 -12.03
C GLU C 63 -20.53 6.47 -12.32
N GLY C 64 -21.39 5.93 -11.45
CA GLY C 64 -21.94 4.59 -11.60
C GLY C 64 -23.02 4.49 -12.68
N PRO C 65 -23.66 3.31 -12.92
CA PRO C 65 -23.54 2.13 -12.05
C PRO C 65 -22.34 1.26 -12.38
N TYR C 66 -21.99 0.33 -11.48
CA TYR C 66 -20.88 -0.56 -11.75
C TYR C 66 -21.36 -1.99 -11.97
N ASP C 67 -20.62 -2.74 -12.79
CA ASP C 67 -20.93 -4.13 -13.13
C ASP C 67 -20.70 -5.04 -11.93
N VAL C 68 -19.81 -4.62 -11.01
CA VAL C 68 -19.61 -5.30 -9.75
C VAL C 68 -19.29 -4.27 -8.65
N VAL C 69 -19.81 -4.55 -7.46
CA VAL C 69 -19.39 -3.87 -6.24
C VAL C 69 -18.64 -4.88 -5.40
N VAL C 70 -17.41 -4.53 -5.04
CA VAL C 70 -16.47 -5.40 -4.35
C VAL C 70 -16.26 -4.90 -2.92
N LEU C 71 -16.49 -5.80 -1.95
CA LEU C 71 -16.26 -5.51 -0.55
C LEU C 71 -15.04 -6.32 -0.09
N PRO C 72 -13.87 -5.69 0.13
CA PRO C 72 -12.75 -6.35 0.78
C PRO C 72 -13.14 -6.65 2.23
N GLY C 73 -12.35 -7.52 2.87
CA GLY C 73 -12.56 -7.86 4.25
C GLY C 73 -11.62 -7.10 5.18
N GLY C 74 -11.16 -7.79 6.23
CA GLY C 74 -10.59 -7.14 7.40
C GLY C 74 -11.69 -6.86 8.42
N ASN C 75 -11.44 -7.19 9.69
CA ASN C 75 -12.47 -7.10 10.71
C ASN C 75 -13.02 -5.68 10.80
N LEU C 76 -12.12 -4.71 10.97
CA LEU C 76 -12.49 -3.29 11.08
C LEU C 76 -13.01 -2.75 9.76
N GLY C 77 -12.33 -3.11 8.67
CA GLY C 77 -12.80 -2.75 7.35
C GLY C 77 -14.28 -3.09 7.18
N ALA C 78 -14.63 -4.35 7.49
CA ALA C 78 -15.97 -4.86 7.29
C ALA C 78 -16.95 -4.18 8.25
N GLN C 79 -16.49 -3.87 9.46
CA GLN C 79 -17.30 -3.16 10.44
C GLN C 79 -17.64 -1.79 9.87
N ASN C 80 -16.63 -1.14 9.27
CA ASN C 80 -16.82 0.20 8.74
C ASN C 80 -17.82 0.17 7.58
N LEU C 81 -17.73 -0.84 6.71
CA LEU C 81 -18.66 -0.99 5.60
C LEU C 81 -20.07 -1.20 6.13
N SER C 82 -20.17 -2.01 7.20
CA SER C 82 -21.41 -2.41 7.82
C SER C 82 -22.17 -1.22 8.42
N GLU C 83 -21.45 -0.15 8.78
CA GLU C 83 -21.98 0.99 9.50
C GLU C 83 -22.34 2.13 8.55
N SER C 84 -21.98 2.00 7.26
CA SER C 84 -22.12 3.09 6.30
C SER C 84 -23.47 3.03 5.61
N ALA C 85 -24.22 4.14 5.73
CA ALA C 85 -25.50 4.33 5.06
C ALA C 85 -25.32 4.37 3.54
N ALA C 86 -24.20 4.98 3.13
CA ALA C 86 -23.88 5.09 1.71
C ALA C 86 -23.69 3.69 1.12
N VAL C 87 -23.02 2.81 1.87
CA VAL C 87 -22.75 1.46 1.39
C VAL C 87 -24.07 0.74 1.24
N LYS C 88 -24.94 0.88 2.26
CA LYS C 88 -26.26 0.25 2.24
C LYS C 88 -27.00 0.61 0.95
N GLU C 89 -26.99 1.91 0.62
CA GLU C 89 -27.74 2.43 -0.51
C GLU C 89 -27.22 1.79 -1.80
N ILE C 90 -25.88 1.74 -1.92
CA ILE C 90 -25.18 1.21 -3.09
C ILE C 90 -25.49 -0.27 -3.28
N LEU C 91 -25.47 -1.05 -2.20
CA LEU C 91 -25.69 -2.48 -2.28
C LEU C 91 -27.15 -2.77 -2.61
N LYS C 92 -28.05 -2.03 -1.96
CA LYS C 92 -29.48 -2.21 -2.21
C LYS C 92 -29.74 -2.02 -3.70
N GLU C 93 -29.21 -0.91 -4.25
CA GLU C 93 -29.45 -0.52 -5.63
C GLU C 93 -28.80 -1.50 -6.60
N GLN C 94 -27.63 -2.05 -6.23
CA GLN C 94 -26.92 -3.02 -7.06
C GLN C 94 -27.69 -4.33 -7.13
N GLU C 95 -28.24 -4.76 -5.99
CA GLU C 95 -29.05 -5.96 -5.87
C GLU C 95 -30.30 -5.78 -6.73
N ASN C 96 -30.85 -4.57 -6.68
CA ASN C 96 -32.05 -4.18 -7.39
C ASN C 96 -31.84 -4.26 -8.91
N ARG C 97 -30.72 -3.71 -9.40
CA ARG C 97 -30.45 -3.64 -10.83
C ARG C 97 -29.87 -4.97 -11.33
N LYS C 98 -29.84 -5.99 -10.44
CA LYS C 98 -29.33 -7.29 -10.79
C LYS C 98 -27.89 -7.16 -11.26
N GLY C 99 -27.10 -6.46 -10.44
CA GLY C 99 -25.65 -6.37 -10.60
C GLY C 99 -24.93 -7.26 -9.60
N LEU C 100 -23.68 -7.61 -9.94
CA LEU C 100 -22.88 -8.51 -9.12
C LEU C 100 -22.41 -7.80 -7.86
N ILE C 101 -22.46 -8.52 -6.74
CA ILE C 101 -21.87 -8.11 -5.47
C ILE C 101 -20.91 -9.20 -5.01
N ALA C 102 -19.66 -8.80 -4.76
CA ALA C 102 -18.59 -9.72 -4.41
C ALA C 102 -17.96 -9.27 -3.10
N ALA C 103 -17.85 -10.19 -2.14
CA ALA C 103 -17.34 -9.89 -0.82
C ALA C 103 -16.42 -11.02 -0.34
N ILE C 104 -15.28 -10.64 0.27
CA ILE C 104 -14.29 -11.62 0.69
C ILE C 104 -14.00 -11.48 2.18
N CYS C 105 -13.83 -12.64 2.84
CA CYS C 105 -13.30 -12.79 4.19
C CYS C 105 -14.33 -12.35 5.24
N ALA C 106 -14.13 -11.17 5.84
CA ALA C 106 -15.16 -10.62 6.71
C ALA C 106 -16.15 -9.77 5.90
N GLY C 107 -15.76 -9.44 4.67
CA GLY C 107 -16.55 -8.60 3.78
C GLY C 107 -18.02 -8.99 3.73
N PRO C 108 -18.34 -10.29 3.60
CA PRO C 108 -19.73 -10.72 3.48
C PRO C 108 -20.60 -10.29 4.64
N THR C 109 -19.98 -10.01 5.79
CA THR C 109 -20.76 -9.62 6.96
C THR C 109 -21.49 -8.29 6.74
N ALA C 110 -20.96 -7.45 5.84
CA ALA C 110 -21.59 -6.19 5.49
C ALA C 110 -22.88 -6.48 4.73
N LEU C 111 -22.91 -7.59 3.97
CA LEU C 111 -24.14 -7.99 3.29
C LEU C 111 -25.22 -8.22 4.33
N LEU C 112 -24.87 -8.92 5.41
CA LEU C 112 -25.82 -9.22 6.47
C LEU C 112 -26.32 -7.93 7.11
N ALA C 113 -25.37 -7.01 7.38
CA ALA C 113 -25.67 -5.75 8.05
C ALA C 113 -26.67 -4.94 7.23
N HIS C 114 -26.54 -5.01 5.90
CA HIS C 114 -27.40 -4.19 5.08
C HIS C 114 -28.54 -5.02 4.46
N GLU C 115 -28.74 -6.25 4.93
CA GLU C 115 -29.85 -7.11 4.51
C GLU C 115 -29.81 -7.34 2.99
N ILE C 116 -28.62 -7.74 2.53
CA ILE C 116 -28.35 -8.00 1.13
C ILE C 116 -28.26 -9.50 0.85
N GLY C 117 -29.08 -9.97 -0.12
CA GLY C 117 -28.95 -11.29 -0.73
C GLY C 117 -29.34 -12.42 0.23
N PHE C 118 -30.28 -12.11 1.11
CA PHE C 118 -30.74 -13.10 2.07
C PHE C 118 -31.20 -14.33 1.30
N GLY C 119 -30.95 -15.51 1.88
CA GLY C 119 -31.34 -16.77 1.27
C GLY C 119 -30.22 -17.36 0.42
N SER C 120 -29.11 -16.61 0.26
CA SER C 120 -28.00 -17.00 -0.60
C SER C 120 -27.10 -18.01 0.10
N LYS C 121 -26.51 -18.91 -0.70
CA LYS C 121 -25.39 -19.72 -0.27
C LYS C 121 -24.15 -18.83 -0.27
N VAL C 122 -23.46 -18.80 0.88
CA VAL C 122 -22.32 -17.90 1.06
C VAL C 122 -21.18 -18.65 1.73
N THR C 123 -19.96 -18.15 1.52
CA THR C 123 -18.83 -18.50 2.36
C THR C 123 -18.28 -17.21 2.99
N THR C 124 -17.45 -17.38 4.02
CA THR C 124 -16.74 -16.29 4.67
C THR C 124 -15.44 -16.85 5.21
N HIS C 125 -14.62 -15.99 5.82
CA HIS C 125 -13.55 -16.49 6.63
C HIS C 125 -14.15 -17.43 7.66
N PRO C 126 -13.50 -18.55 7.99
CA PRO C 126 -14.00 -19.42 9.07
C PRO C 126 -14.39 -18.63 10.33
N LEU C 127 -13.60 -17.59 10.66
CA LEU C 127 -13.77 -16.84 11.89
C LEU C 127 -15.06 -16.02 11.88
N ALA C 128 -15.59 -15.77 10.67
CA ALA C 128 -16.66 -14.81 10.46
C ALA C 128 -17.97 -15.53 10.21
N LYS C 129 -17.92 -16.88 10.22
CA LYS C 129 -19.09 -17.70 9.98
C LYS C 129 -20.20 -17.34 10.97
N ASP C 130 -19.84 -17.26 12.26
CA ASP C 130 -20.70 -16.96 13.40
C ASP C 130 -21.52 -15.71 13.17
N LYS C 131 -20.80 -14.63 12.83
CA LYS C 131 -21.42 -13.34 12.57
C LYS C 131 -22.35 -13.45 11.36
N MET C 132 -21.89 -14.11 10.29
CA MET C 132 -22.63 -14.16 9.05
C MET C 132 -23.93 -14.96 9.22
N MET C 133 -23.86 -16.01 10.03
CA MET C 133 -24.96 -16.95 10.16
C MET C 133 -25.92 -16.50 11.27
N ASN C 134 -25.64 -15.37 11.90
CA ASN C 134 -26.51 -14.79 12.91
C ASN C 134 -27.87 -14.44 12.30
N GLY C 135 -28.90 -15.22 12.66
CA GLY C 135 -30.25 -15.03 12.15
C GLY C 135 -30.66 -16.08 11.12
N GLY C 136 -29.68 -16.84 10.62
CA GLY C 136 -29.92 -17.88 9.63
C GLY C 136 -30.47 -17.31 8.32
N HIS C 137 -29.86 -16.22 7.84
CA HIS C 137 -30.34 -15.53 6.65
C HIS C 137 -29.57 -15.99 5.42
N TYR C 138 -28.64 -16.92 5.64
CA TYR C 138 -27.87 -17.55 4.56
C TYR C 138 -27.70 -19.05 4.83
N THR C 139 -27.35 -19.80 3.78
CA THR C 139 -26.80 -21.13 3.94
C THR C 139 -25.28 -21.06 3.76
N TYR C 140 -24.54 -21.75 4.63
CA TYR C 140 -23.09 -21.63 4.63
C TYR C 140 -22.41 -22.65 3.71
N SER C 141 -21.28 -22.25 3.12
CA SER C 141 -20.51 -23.06 2.17
C SER C 141 -19.04 -23.05 2.57
N GLU C 142 -18.34 -24.17 2.33
CA GLU C 142 -16.93 -24.33 2.68
C GLU C 142 -16.04 -24.12 1.45
N ASN C 143 -16.66 -23.89 0.27
CA ASN C 143 -15.90 -23.67 -0.94
C ASN C 143 -15.07 -22.39 -0.82
N ARG C 144 -13.90 -22.45 -1.48
CA ARG C 144 -12.93 -21.37 -1.47
C ARG C 144 -13.56 -20.11 -2.08
N VAL C 145 -14.29 -20.32 -3.18
CA VAL C 145 -15.13 -19.30 -3.76
C VAL C 145 -16.54 -19.85 -3.91
N GLU C 146 -17.53 -19.01 -3.57
CA GLU C 146 -18.93 -19.36 -3.70
C GLU C 146 -19.63 -18.31 -4.55
N LYS C 147 -20.38 -18.76 -5.55
CA LYS C 147 -21.22 -17.88 -6.34
C LYS C 147 -22.63 -18.46 -6.39
N ASP C 148 -23.58 -17.70 -5.83
CA ASP C 148 -24.99 -18.04 -5.85
C ASP C 148 -25.76 -16.86 -6.45
N GLY C 149 -26.06 -16.96 -7.75
CA GLY C 149 -26.64 -15.85 -8.50
C GLY C 149 -25.66 -14.69 -8.59
N LEU C 150 -26.04 -13.53 -8.02
CA LEU C 150 -25.27 -12.29 -8.10
C LEU C 150 -24.58 -12.00 -6.77
N ILE C 151 -24.45 -13.04 -5.95
CA ILE C 151 -23.77 -12.94 -4.67
C ILE C 151 -22.56 -13.85 -4.71
N LEU C 152 -21.39 -13.22 -4.73
CA LEU C 152 -20.15 -13.96 -4.85
C LEU C 152 -19.30 -13.70 -3.60
N THR C 153 -18.92 -14.79 -2.92
CA THR C 153 -18.20 -14.69 -1.65
C THR C 153 -16.94 -15.56 -1.68
N SER C 154 -16.02 -15.24 -0.78
CA SER C 154 -14.76 -15.96 -0.69
C SER C 154 -14.23 -15.85 0.72
N ARG C 155 -13.12 -16.55 1.02
CA ARG C 155 -12.84 -16.89 2.41
C ARG C 155 -11.73 -16.05 3.08
N GLY C 156 -10.68 -15.70 2.35
CA GLY C 156 -9.60 -15.03 3.05
C GLY C 156 -8.47 -14.58 2.11
N PRO C 157 -7.40 -14.01 2.68
CA PRO C 157 -6.26 -13.56 1.88
C PRO C 157 -5.82 -14.63 0.89
N GLY C 158 -5.82 -15.89 1.35
CA GLY C 158 -5.33 -17.02 0.58
C GLY C 158 -6.27 -17.45 -0.55
N THR C 159 -7.49 -16.89 -0.59
CA THR C 159 -8.42 -17.17 -1.66
C THR C 159 -8.61 -15.95 -2.56
N SER C 160 -7.80 -14.90 -2.35
CA SER C 160 -8.00 -13.61 -3.00
C SER C 160 -7.87 -13.70 -4.52
N PHE C 161 -6.88 -14.46 -4.98
CA PHE C 161 -6.69 -14.60 -6.41
C PHE C 161 -7.89 -15.31 -7.03
N GLU C 162 -8.37 -16.37 -6.37
CA GLU C 162 -9.49 -17.16 -6.86
C GLU C 162 -10.75 -16.31 -6.92
N PHE C 163 -10.94 -15.50 -5.86
CA PHE C 163 -12.05 -14.59 -5.75
C PHE C 163 -12.02 -13.62 -6.93
N ALA C 164 -10.86 -12.97 -7.12
CA ALA C 164 -10.67 -11.98 -8.17
C ALA C 164 -10.92 -12.58 -9.55
N LEU C 165 -10.39 -13.79 -9.79
CA LEU C 165 -10.53 -14.41 -11.10
C LEU C 165 -11.98 -14.85 -11.33
N ALA C 166 -12.71 -15.13 -10.24
CA ALA C 166 -14.12 -15.48 -10.36
C ALA C 166 -14.93 -14.26 -10.79
N ILE C 167 -14.54 -13.08 -10.30
CA ILE C 167 -15.17 -11.83 -10.71
C ILE C 167 -14.88 -11.57 -12.19
N VAL C 168 -13.63 -11.77 -12.60
CA VAL C 168 -13.26 -11.59 -13.99
C VAL C 168 -14.13 -12.49 -14.87
N GLU C 169 -14.30 -13.75 -14.45
CA GLU C 169 -15.06 -14.72 -15.22
C GLU C 169 -16.53 -14.30 -15.32
N ALA C 170 -17.05 -13.79 -14.21
CA ALA C 170 -18.42 -13.33 -14.15
C ALA C 170 -18.63 -12.12 -15.07
N LEU C 171 -17.65 -11.24 -15.19
CA LEU C 171 -17.86 -10.01 -15.95
C LEU C 171 -17.48 -10.22 -17.41
N ASN C 172 -16.37 -10.92 -17.63
CA ASN C 172 -15.70 -10.89 -18.92
C ASN C 172 -15.67 -12.26 -19.60
N GLY C 173 -16.10 -13.32 -18.90
CA GLY C 173 -16.12 -14.66 -19.47
C GLY C 173 -14.87 -15.48 -19.16
N LYS C 174 -14.95 -16.80 -19.39
CA LYS C 174 -13.92 -17.74 -18.97
C LYS C 174 -12.59 -17.48 -19.67
N GLU C 175 -12.67 -17.15 -20.98
CA GLU C 175 -11.46 -17.09 -21.78
C GLU C 175 -10.59 -15.92 -21.28
N VAL C 176 -11.23 -14.78 -21.00
CA VAL C 176 -10.51 -13.62 -20.47
C VAL C 176 -9.85 -13.99 -19.14
N ALA C 177 -10.60 -14.68 -18.27
CA ALA C 177 -10.10 -15.03 -16.94
C ALA C 177 -8.83 -15.88 -17.08
N ALA C 178 -8.90 -16.85 -17.99
CA ALA C 178 -7.79 -17.76 -18.23
C ALA C 178 -6.56 -16.99 -18.72
N GLN C 179 -6.77 -16.04 -19.63
CA GLN C 179 -5.69 -15.21 -20.15
C GLN C 179 -4.99 -14.50 -19.01
N VAL C 180 -5.78 -13.84 -18.15
CA VAL C 180 -5.27 -13.02 -17.06
C VAL C 180 -4.52 -13.89 -16.06
N LYS C 181 -5.07 -15.08 -15.81
CA LYS C 181 -4.56 -16.02 -14.82
C LYS C 181 -3.15 -16.45 -15.19
N ALA C 182 -2.95 -16.75 -16.49
CA ALA C 182 -1.77 -17.47 -16.92
C ALA C 182 -0.51 -16.87 -16.30
N PRO C 183 -0.21 -15.57 -16.48
CA PRO C 183 1.06 -15.01 -16.01
C PRO C 183 1.12 -14.77 -14.49
N LEU C 184 0.08 -15.16 -13.75
CA LEU C 184 0.09 -14.92 -12.32
C LEU C 184 0.93 -15.96 -11.58
N VAL C 185 1.26 -17.06 -12.26
CA VAL C 185 2.03 -18.17 -11.70
C VAL C 185 1.31 -18.70 -10.46
N LEU C 186 0.00 -18.93 -10.59
CA LEU C 186 -0.75 -19.61 -9.55
C LEU C 186 -0.55 -21.11 -9.74
N LYS C 187 -0.83 -21.90 -8.68
CA LYS C 187 -0.36 -23.27 -8.49
C LYS C 187 -1.11 -24.31 -9.36
N ALA D 1 12.38 -8.57 21.09
CA ALA D 1 13.11 -7.65 20.15
C ALA D 1 12.88 -8.03 18.69
N SER D 2 12.20 -7.14 17.94
CA SER D 2 11.58 -7.50 16.67
C SER D 2 12.68 -7.72 15.63
N LYS D 3 12.47 -8.68 14.72
CA LYS D 3 13.23 -8.67 13.47
C LYS D 3 12.71 -7.55 12.58
N ARG D 4 13.53 -7.06 11.64
CA ARG D 4 13.24 -5.85 10.85
C ARG D 4 13.48 -6.10 9.37
N ALA D 5 12.57 -5.55 8.55
CA ALA D 5 12.60 -5.78 7.10
C ALA D 5 12.51 -4.43 6.40
N LEU D 6 13.32 -4.29 5.34
CA LEU D 6 13.23 -3.15 4.45
C LEU D 6 12.66 -3.60 3.12
N VAL D 7 11.54 -2.98 2.73
CA VAL D 7 10.92 -3.26 1.44
C VAL D 7 11.08 -2.01 0.59
N ILE D 8 11.83 -2.15 -0.52
CA ILE D 8 12.17 -1.03 -1.38
C ILE D 8 11.12 -0.89 -2.48
N LEU D 9 10.39 0.23 -2.44
CA LEU D 9 9.21 0.43 -3.27
C LEU D 9 9.51 1.49 -4.32
N ALA D 10 9.58 1.06 -5.59
CA ALA D 10 9.87 1.91 -6.73
C ALA D 10 8.63 2.09 -7.60
N LYS D 11 8.59 3.21 -8.33
CA LYS D 11 7.53 3.43 -9.29
C LYS D 11 7.48 2.28 -10.30
N GLY D 12 6.26 1.76 -10.53
CA GLY D 12 6.09 0.65 -11.47
C GLY D 12 6.25 -0.73 -10.83
N ALA D 13 6.45 -0.77 -9.50
CA ALA D 13 6.48 -2.01 -8.74
C ALA D 13 5.15 -2.75 -8.87
N GLU D 14 5.22 -4.07 -8.89
CA GLU D 14 4.01 -4.86 -8.84
C GLU D 14 3.46 -4.75 -7.41
N GLU D 15 2.24 -4.20 -7.30
CA GLU D 15 1.68 -3.87 -6.00
C GLU D 15 1.33 -5.10 -5.17
N MET D 16 0.98 -6.22 -5.82
CA MET D 16 0.67 -7.46 -5.11
C MET D 16 1.95 -8.05 -4.51
N GLU D 17 3.07 -7.96 -5.24
CA GLU D 17 4.36 -8.47 -4.78
C GLU D 17 4.96 -7.55 -3.71
N THR D 18 4.41 -6.34 -3.56
CA THR D 18 4.80 -5.40 -2.51
C THR D 18 3.97 -5.66 -1.25
N VAL D 19 2.63 -5.63 -1.43
CA VAL D 19 1.68 -5.61 -0.33
C VAL D 19 1.63 -6.96 0.39
N ILE D 20 1.65 -8.06 -0.37
CA ILE D 20 1.54 -9.39 0.22
C ILE D 20 2.69 -9.59 1.21
N PRO D 21 3.98 -9.42 0.81
CA PRO D 21 5.08 -9.57 1.76
C PRO D 21 5.05 -8.63 2.95
N VAL D 22 4.66 -7.37 2.74
CA VAL D 22 4.61 -6.41 3.83
C VAL D 22 3.60 -6.89 4.87
N ASP D 23 2.40 -7.26 4.40
CA ASP D 23 1.28 -7.66 5.23
C ASP D 23 1.66 -8.93 6.01
N VAL D 24 2.09 -9.96 5.26
CA VAL D 24 2.43 -11.27 5.80
C VAL D 24 3.55 -11.12 6.84
N MET D 25 4.55 -10.30 6.52
CA MET D 25 5.66 -10.12 7.44
C MET D 25 5.17 -9.43 8.70
N ARG D 26 4.26 -8.46 8.56
CA ARG D 26 3.73 -7.74 9.71
C ARG D 26 2.91 -8.70 10.58
N ARG D 27 2.22 -9.64 9.94
CA ARG D 27 1.50 -10.65 10.68
C ARG D 27 2.48 -11.50 11.52
N ALA D 28 3.73 -11.62 11.06
CA ALA D 28 4.72 -12.45 11.73
C ALA D 28 5.43 -11.70 12.85
N GLY D 29 5.08 -10.44 13.07
CA GLY D 29 5.72 -9.65 14.11
C GLY D 29 7.05 -9.02 13.66
N ILE D 30 7.29 -8.99 12.34
CA ILE D 30 8.42 -8.27 11.78
C ILE D 30 8.09 -6.78 11.73
N LYS D 31 9.05 -5.95 12.11
CA LYS D 31 8.91 -4.51 11.92
C LYS D 31 9.32 -4.19 10.48
N VAL D 32 8.32 -3.82 9.67
CA VAL D 32 8.56 -3.60 8.25
C VAL D 32 8.60 -2.10 8.00
N THR D 33 9.62 -1.67 7.26
CA THR D 33 9.67 -0.34 6.71
C THR D 33 9.48 -0.42 5.19
N VAL D 34 8.40 0.19 4.71
CA VAL D 34 8.20 0.38 3.29
C VAL D 34 8.90 1.68 2.88
N ALA D 35 10.02 1.53 2.15
CA ALA D 35 10.88 2.65 1.83
C ALA D 35 10.74 3.03 0.36
N GLY D 36 10.34 4.29 0.13
CA GLY D 36 10.21 4.82 -1.22
C GLY D 36 11.58 5.10 -1.82
N LEU D 37 11.88 4.43 -2.94
CA LEU D 37 13.15 4.57 -3.61
C LEU D 37 13.50 6.05 -3.85
N ALA D 38 12.54 6.86 -4.32
CA ALA D 38 12.86 8.24 -4.64
C ALA D 38 12.21 9.20 -3.65
N GLY D 39 12.01 8.75 -2.42
CA GLY D 39 11.57 9.68 -1.40
C GLY D 39 10.29 9.20 -0.72
N LYS D 40 9.64 10.14 0.00
CA LYS D 40 8.51 9.84 0.85
C LYS D 40 7.21 9.94 0.07
N ASP D 41 7.30 10.37 -1.20
CA ASP D 41 6.18 10.61 -2.09
C ASP D 41 5.41 9.31 -2.30
N PRO D 42 4.06 9.37 -2.43
CA PRO D 42 3.26 8.22 -2.83
C PRO D 42 3.75 7.60 -4.15
N VAL D 43 3.70 6.27 -4.22
CA VAL D 43 4.31 5.52 -5.31
C VAL D 43 3.20 4.87 -6.13
N GLN D 44 3.17 5.21 -7.42
CA GLN D 44 2.26 4.61 -8.36
C GLN D 44 2.85 3.27 -8.83
N CYS D 45 2.08 2.21 -8.57
CA CYS D 45 2.50 0.86 -8.90
C CYS D 45 2.05 0.47 -10.31
N SER D 46 2.39 -0.77 -10.72
CA SER D 46 2.20 -1.26 -12.08
C SER D 46 0.74 -1.15 -12.52
N ARG D 47 -0.21 -1.42 -11.59
CA ARG D 47 -1.65 -1.35 -11.88
C ARG D 47 -2.31 -0.20 -11.13
N ASP D 48 -1.53 0.87 -10.90
CA ASP D 48 -2.01 2.18 -10.48
C ASP D 48 -2.51 2.21 -9.04
N VAL D 49 -2.29 1.11 -8.28
CA VAL D 49 -2.43 1.17 -6.84
C VAL D 49 -1.35 2.12 -6.32
N VAL D 50 -1.75 3.09 -5.48
CA VAL D 50 -0.85 4.12 -5.01
C VAL D 50 -0.57 3.90 -3.52
N ILE D 51 0.69 3.60 -3.21
CA ILE D 51 1.09 3.21 -1.88
C ILE D 51 1.97 4.31 -1.32
N CYS D 52 1.64 4.72 -0.09
CA CYS D 52 2.42 5.72 0.63
C CYS D 52 3.50 5.02 1.45
N PRO D 53 4.79 5.31 1.15
CA PRO D 53 5.88 4.68 1.89
C PRO D 53 5.88 5.23 3.31
N ASP D 54 6.51 4.47 4.22
CA ASP D 54 6.66 4.84 5.62
C ASP D 54 7.71 5.95 5.73
N ALA D 55 8.68 5.93 4.80
CA ALA D 55 9.69 6.96 4.67
C ALA D 55 10.41 6.81 3.33
N SER D 56 11.31 7.76 3.08
CA SER D 56 12.29 7.67 2.02
C SER D 56 13.30 6.55 2.29
N LEU D 57 13.87 5.98 1.23
CA LEU D 57 14.92 5.00 1.39
C LEU D 57 16.10 5.65 2.11
N GLU D 58 16.37 6.92 1.77
CA GLU D 58 17.42 7.73 2.39
C GLU D 58 17.33 7.56 3.91
N ASP D 59 16.16 7.89 4.46
CA ASP D 59 15.93 7.93 5.89
C ASP D 59 15.85 6.51 6.46
N ALA D 60 15.25 5.58 5.72
CA ALA D 60 15.10 4.20 6.18
C ALA D 60 16.49 3.59 6.37
N LYS D 61 17.41 3.90 5.44
CA LYS D 61 18.75 3.34 5.43
C LYS D 61 19.46 3.71 6.74
N LYS D 62 19.16 4.91 7.23
CA LYS D 62 19.81 5.45 8.43
C LYS D 62 19.34 4.71 9.68
N GLU D 63 18.18 4.06 9.61
CA GLU D 63 17.62 3.33 10.75
C GLU D 63 17.95 1.84 10.67
N GLY D 64 18.80 1.46 9.70
CA GLY D 64 19.24 0.08 9.51
C GLY D 64 20.27 -0.36 10.54
N PRO D 65 20.79 -1.62 10.49
CA PRO D 65 20.60 -2.53 9.35
C PRO D 65 19.32 -3.35 9.46
N TYR D 66 18.93 -4.00 8.35
CA TYR D 66 17.72 -4.82 8.37
C TYR D 66 18.06 -6.30 8.21
N ASP D 67 17.22 -7.16 8.81
CA ASP D 67 17.39 -8.60 8.79
C ASP D 67 17.09 -9.16 7.40
N VAL D 68 16.27 -8.43 6.62
CA VAL D 68 16.01 -8.76 5.22
C VAL D 68 15.81 -7.46 4.42
N VAL D 69 16.32 -7.49 3.18
CA VAL D 69 16.00 -6.49 2.17
C VAL D 69 15.18 -7.20 1.11
N VAL D 70 13.99 -6.64 0.85
CA VAL D 70 13.00 -7.23 -0.04
C VAL D 70 12.88 -6.36 -1.30
N LEU D 71 13.05 -7.01 -2.46
CA LEU D 71 12.86 -6.36 -3.75
C LEU D 71 11.59 -6.91 -4.39
N PRO D 72 10.48 -6.14 -4.44
CA PRO D 72 9.32 -6.50 -5.25
C PRO D 72 9.72 -6.45 -6.72
N GLY D 73 8.89 -7.05 -7.56
CA GLY D 73 9.09 -7.05 -8.99
C GLY D 73 8.24 -5.99 -9.69
N GLY D 74 7.73 -6.36 -10.88
CA GLY D 74 7.26 -5.38 -11.84
C GLY D 74 8.40 -4.96 -12.77
N ASN D 75 8.16 -4.93 -14.09
CA ASN D 75 9.20 -4.68 -15.07
C ASN D 75 9.87 -3.35 -14.77
N LEU D 76 9.09 -2.27 -14.67
CA LEU D 76 9.59 -0.93 -14.45
C LEU D 76 10.13 -0.79 -13.03
N GLY D 77 9.40 -1.36 -12.06
CA GLY D 77 9.88 -1.39 -10.69
C GLY D 77 11.32 -1.91 -10.62
N ALA D 78 11.55 -3.08 -11.24
CA ALA D 78 12.84 -3.76 -11.21
C ALA D 78 13.89 -2.94 -11.95
N GLN D 79 13.48 -2.30 -13.06
CA GLN D 79 14.37 -1.45 -13.81
C GLN D 79 14.83 -0.30 -12.91
N ASN D 80 13.89 0.26 -12.16
CA ASN D 80 14.17 1.40 -11.31
C ASN D 80 15.16 0.98 -10.21
N LEU D 81 14.96 -0.21 -9.61
CA LEU D 81 15.87 -0.72 -8.59
C LEU D 81 17.26 -0.92 -9.19
N SER D 82 17.29 -1.44 -10.42
CA SER D 82 18.50 -1.79 -11.15
C SER D 82 19.38 -0.58 -11.44
N GLU D 83 18.77 0.62 -11.50
CA GLU D 83 19.43 1.85 -11.91
C GLU D 83 19.91 2.66 -10.71
N SER D 84 19.49 2.25 -9.50
CA SER D 84 19.74 3.04 -8.30
C SER D 84 21.07 2.67 -7.66
N ALA D 85 21.94 3.68 -7.52
CA ALA D 85 23.22 3.55 -6.83
C ALA D 85 23.00 3.26 -5.33
N ALA D 86 21.95 3.87 -4.79
CA ALA D 86 21.59 3.65 -3.39
C ALA D 86 21.25 2.19 -3.17
N VAL D 87 20.51 1.58 -4.12
CA VAL D 87 20.10 0.20 -3.98
C VAL D 87 21.35 -0.67 -4.03
N LYS D 88 22.25 -0.36 -4.98
CA LYS D 88 23.50 -1.11 -5.11
C LYS D 88 24.23 -1.15 -3.77
N GLU D 89 24.35 0.02 -3.12
CA GLU D 89 25.09 0.18 -1.88
C GLU D 89 24.46 -0.72 -0.81
N ILE D 90 23.12 -0.66 -0.71
CA ILE D 90 22.34 -1.39 0.28
C ILE D 90 22.50 -2.90 0.09
N LEU D 91 22.45 -3.38 -1.15
CA LEU D 91 22.53 -4.80 -1.42
C LEU D 91 23.95 -5.30 -1.17
N LYS D 92 24.94 -4.53 -1.61
CA LYS D 92 26.33 -4.91 -1.42
C LYS D 92 26.57 -5.11 0.09
N GLU D 93 26.14 -4.11 0.87
CA GLU D 93 26.37 -4.08 2.31
C GLU D 93 25.59 -5.19 3.00
N GLN D 94 24.38 -5.53 2.52
CA GLN D 94 23.55 -6.57 3.09
C GLN D 94 24.19 -7.93 2.86
N GLU D 95 24.71 -8.14 1.64
CA GLU D 95 25.40 -9.36 1.27
C GLU D 95 26.64 -9.52 2.16
N ASN D 96 27.31 -8.39 2.37
CA ASN D 96 28.52 -8.30 3.17
C ASN D 96 28.28 -8.69 4.62
N ARG D 97 27.21 -8.16 5.23
CA ARG D 97 26.90 -8.39 6.64
C ARG D 97 26.16 -9.71 6.82
N LYS D 98 26.09 -10.49 5.73
CA LYS D 98 25.47 -11.81 5.77
C LYS D 98 24.01 -11.67 6.21
N GLY D 99 23.32 -10.71 5.58
CA GLY D 99 21.89 -10.52 5.74
C GLY D 99 21.12 -11.07 4.54
N LEU D 100 19.85 -11.38 4.79
CA LEU D 100 19.00 -11.99 3.78
C LEU D 100 18.61 -10.95 2.73
N ILE D 101 18.61 -11.37 1.47
CA ILE D 101 18.08 -10.61 0.36
C ILE D 101 17.04 -11.46 -0.34
N ALA D 102 15.83 -10.90 -0.48
CA ALA D 102 14.70 -11.61 -1.06
C ALA D 102 14.15 -10.78 -2.23
N ALA D 103 13.98 -11.43 -3.39
CA ALA D 103 13.53 -10.76 -4.60
C ALA D 103 12.52 -11.63 -5.34
N ILE D 104 11.44 -11.00 -5.82
CA ILE D 104 10.36 -11.73 -6.47
C ILE D 104 10.11 -11.22 -7.87
N CYS D 105 9.84 -12.14 -8.79
CA CYS D 105 9.31 -11.91 -10.13
C CYS D 105 10.40 -11.32 -11.05
N ALA D 106 10.33 -10.01 -11.32
CA ALA D 106 11.42 -9.37 -12.05
C ALA D 106 12.49 -8.86 -11.07
N GLY D 107 12.12 -8.81 -9.79
CA GLY D 107 12.96 -8.29 -8.73
C GLY D 107 14.39 -8.83 -8.77
N PRO D 108 14.58 -10.15 -8.97
CA PRO D 108 15.92 -10.72 -8.98
C PRO D 108 16.84 -10.10 -10.03
N THR D 109 16.26 -9.49 -11.06
CA THR D 109 17.09 -8.91 -12.12
C THR D 109 17.94 -7.75 -11.59
N ALA D 110 17.49 -7.11 -10.51
CA ALA D 110 18.24 -6.05 -9.87
C ALA D 110 19.49 -6.63 -9.21
N LEU D 111 19.40 -7.89 -8.76
CA LEU D 111 20.56 -8.58 -8.20
C LEU D 111 21.65 -8.63 -9.26
N LEU D 112 21.24 -9.00 -10.49
CA LEU D 112 22.17 -9.13 -11.61
C LEU D 112 22.80 -7.77 -11.90
N ALA D 113 21.96 -6.74 -11.93
CA ALA D 113 22.38 -5.38 -12.26
C ALA D 113 23.45 -4.91 -11.27
N HIS D 114 23.30 -5.29 -10.00
CA HIS D 114 24.23 -4.80 -9.00
C HIS D 114 25.28 -5.84 -8.63
N GLU D 115 25.36 -6.94 -9.39
CA GLU D 115 26.38 -7.97 -9.19
C GLU D 115 26.28 -8.54 -7.78
N ILE D 116 25.06 -8.94 -7.42
CA ILE D 116 24.74 -9.48 -6.12
C ILE D 116 24.50 -10.99 -6.22
N GLY D 117 25.25 -11.76 -5.40
CA GLY D 117 25.00 -13.18 -5.14
C GLY D 117 25.27 -14.07 -6.35
N PHE D 118 26.25 -13.65 -7.16
CA PHE D 118 26.62 -14.42 -8.33
C PHE D 118 26.93 -15.83 -7.90
N GLY D 119 26.55 -16.81 -8.75
CA GLY D 119 26.80 -18.22 -8.48
C GLY D 119 25.63 -18.87 -7.73
N SER D 120 24.61 -18.06 -7.38
CA SER D 120 23.47 -18.53 -6.62
C SER D 120 22.47 -19.24 -7.54
N LYS D 121 21.77 -20.24 -6.97
CA LYS D 121 20.59 -20.81 -7.59
C LYS D 121 19.44 -19.82 -7.38
N VAL D 122 18.79 -19.45 -8.48
CA VAL D 122 17.77 -18.43 -8.45
C VAL D 122 16.56 -18.91 -9.27
N THR D 123 15.39 -18.37 -8.92
CA THR D 123 14.24 -18.37 -9.81
C THR D 123 13.82 -16.93 -10.09
N THR D 124 13.03 -16.76 -11.15
CA THR D 124 12.43 -15.49 -11.52
C THR D 124 11.09 -15.77 -12.17
N HIS D 125 10.38 -14.71 -12.54
CA HIS D 125 9.26 -14.92 -13.44
C HIS D 125 9.80 -15.62 -14.68
N PRO D 126 9.06 -16.56 -15.28
CA PRO D 126 9.50 -17.16 -16.53
C PRO D 126 9.95 -16.13 -17.59
N LEU D 127 9.27 -14.97 -17.63
CA LEU D 127 9.54 -13.94 -18.63
C LEU D 127 10.91 -13.29 -18.43
N ALA D 128 11.45 -13.40 -17.21
CA ALA D 128 12.59 -12.63 -16.77
C ALA D 128 13.83 -13.53 -16.74
N LYS D 129 13.64 -14.81 -17.07
CA LYS D 129 14.72 -15.79 -17.05
C LYS D 129 15.87 -15.32 -17.96
N ASP D 130 15.53 -14.90 -19.19
CA ASP D 130 16.45 -14.47 -20.25
C ASP D 130 17.41 -13.39 -19.72
N LYS D 131 16.79 -12.37 -19.14
CA LYS D 131 17.52 -11.25 -18.61
C LYS D 131 18.38 -11.68 -17.44
N MET D 132 17.85 -12.52 -16.57
CA MET D 132 18.54 -12.94 -15.36
C MET D 132 19.76 -13.80 -15.71
N MET D 133 19.61 -14.62 -16.75
CA MET D 133 20.63 -15.60 -17.10
C MET D 133 21.65 -15.02 -18.08
N ASN D 134 21.50 -13.74 -18.42
CA ASN D 134 22.45 -13.01 -19.24
C ASN D 134 23.81 -12.96 -18.53
N GLY D 135 24.77 -13.72 -19.08
CA GLY D 135 26.11 -13.81 -18.53
C GLY D 135 26.39 -15.12 -17.80
N GLY D 136 25.32 -15.87 -17.50
CA GLY D 136 25.42 -17.13 -16.79
C GLY D 136 26.01 -16.97 -15.39
N HIS D 137 25.54 -15.95 -14.65
CA HIS D 137 26.06 -15.64 -13.34
C HIS D 137 25.23 -16.29 -12.24
N TYR D 138 24.21 -17.05 -12.66
CA TYR D 138 23.37 -17.82 -11.77
C TYR D 138 23.07 -19.20 -12.37
N THR D 139 22.62 -20.14 -11.53
CA THR D 139 21.94 -21.33 -12.01
C THR D 139 20.43 -21.14 -11.83
N TYR D 140 19.66 -21.51 -12.85
CA TYR D 140 18.24 -21.25 -12.84
C TYR D 140 17.44 -22.38 -12.21
N SER D 141 16.34 -22.03 -11.53
CA SER D 141 15.47 -22.98 -10.83
C SER D 141 14.02 -22.72 -11.22
N GLU D 142 13.20 -23.78 -11.30
CA GLU D 142 11.80 -23.71 -11.65
C GLU D 142 10.90 -23.73 -10.41
N ASN D 143 11.51 -23.86 -9.23
CA ASN D 143 10.77 -23.92 -7.98
C ASN D 143 10.07 -22.60 -7.74
N ARG D 144 8.90 -22.70 -7.11
CA ARG D 144 8.04 -21.56 -6.82
C ARG D 144 8.78 -20.58 -5.92
N VAL D 145 9.47 -21.13 -4.92
CA VAL D 145 10.40 -20.38 -4.10
C VAL D 145 11.75 -21.08 -4.13
N GLU D 146 12.81 -20.27 -4.24
CA GLU D 146 14.18 -20.76 -4.22
C GLU D 146 14.95 -20.03 -3.12
N LYS D 147 15.63 -20.79 -2.26
CA LYS D 147 16.52 -20.21 -1.28
C LYS D 147 17.88 -20.91 -1.38
N ASP D 148 18.90 -20.11 -1.73
CA ASP D 148 20.28 -20.55 -1.78
C ASP D 148 21.13 -19.64 -0.89
N GLY D 149 21.35 -20.09 0.35
CA GLY D 149 22.02 -19.27 1.35
C GLY D 149 21.18 -18.04 1.73
N LEU D 150 21.71 -16.84 1.43
CA LEU D 150 21.08 -15.58 1.82
C LEU D 150 20.43 -14.91 0.61
N ILE D 151 20.22 -15.70 -0.45
CA ILE D 151 19.54 -15.24 -1.66
C ILE D 151 18.26 -16.03 -1.80
N LEU D 152 17.14 -15.32 -1.59
CA LEU D 152 15.84 -15.95 -1.69
C LEU D 152 15.04 -15.33 -2.83
N THR D 153 14.59 -16.16 -3.77
CA THR D 153 13.90 -15.68 -4.96
C THR D 153 12.58 -16.42 -5.15
N SER D 154 11.71 -15.81 -5.95
CA SER D 154 10.40 -16.36 -6.22
C SER D 154 9.91 -15.83 -7.56
N ARG D 155 8.75 -16.32 -8.03
CA ARG D 155 8.47 -16.25 -9.46
C ARG D 155 7.46 -15.17 -9.88
N GLY D 156 6.43 -14.91 -9.07
CA GLY D 156 5.40 -14.02 -9.59
C GLY D 156 4.32 -13.72 -8.56
N PRO D 157 3.30 -12.92 -8.95
CA PRO D 157 2.21 -12.58 -8.05
C PRO D 157 1.66 -13.83 -7.36
N GLY D 158 1.56 -14.91 -8.15
CA GLY D 158 0.97 -16.17 -7.70
C GLY D 158 1.83 -16.95 -6.72
N THR D 159 3.09 -16.53 -6.54
CA THR D 159 3.97 -17.16 -5.58
C THR D 159 4.24 -16.24 -4.38
N SER D 160 3.54 -15.11 -4.31
CA SER D 160 3.86 -14.05 -3.36
C SER D 160 3.71 -14.50 -1.91
N PHE D 161 2.63 -15.26 -1.64
CA PHE D 161 2.41 -15.74 -0.29
C PHE D 161 3.53 -16.67 0.14
N GLU D 162 3.92 -17.57 -0.77
CA GLU D 162 4.95 -18.57 -0.49
C GLU D 162 6.30 -17.88 -0.24
N PHE D 163 6.56 -16.85 -1.05
CA PHE D 163 7.75 -16.04 -0.95
C PHE D 163 7.79 -15.40 0.42
N ALA D 164 6.69 -14.70 0.78
CA ALA D 164 6.59 -14.00 2.05
C ALA D 164 6.75 -14.95 3.23
N LEU D 165 6.12 -16.13 3.17
CA LEU D 165 6.19 -17.07 4.28
C LEU D 165 7.57 -17.69 4.40
N ALA D 166 8.30 -17.75 3.27
CA ALA D 166 9.67 -18.24 3.29
C ALA D 166 10.57 -17.25 4.03
N ILE D 167 10.29 -15.94 3.84
CA ILE D 167 11.00 -14.89 4.55
C ILE D 167 10.71 -14.99 6.05
N VAL D 168 9.43 -15.16 6.40
CA VAL D 168 9.04 -15.31 7.79
C VAL D 168 9.81 -16.47 8.43
N GLU D 169 9.89 -17.59 7.71
CA GLU D 169 10.55 -18.78 8.22
C GLU D 169 12.04 -18.51 8.44
N ALA D 170 12.63 -17.78 7.50
CA ALA D 170 14.04 -17.44 7.58
C ALA D 170 14.32 -16.54 8.78
N LEU D 171 13.40 -15.62 9.10
CA LEU D 171 13.68 -14.64 10.14
C LEU D 171 13.25 -15.18 11.49
N ASN D 172 12.06 -15.80 11.52
CA ASN D 172 11.37 -16.03 12.77
C ASN D 172 11.20 -17.51 13.09
N GLY D 173 11.57 -18.40 12.15
CA GLY D 173 11.49 -19.84 12.37
C GLY D 173 10.19 -20.47 11.84
N LYS D 174 10.17 -21.79 11.80
CA LYS D 174 9.12 -22.55 11.13
C LYS D 174 7.79 -22.37 11.83
N GLU D 175 7.84 -22.38 13.18
CA GLU D 175 6.63 -22.41 13.97
C GLU D 175 5.85 -21.12 13.77
N VAL D 176 6.56 -19.98 13.77
CA VAL D 176 5.95 -18.68 13.55
C VAL D 176 5.29 -18.66 12.18
N ALA D 177 6.01 -19.16 11.16
CA ALA D 177 5.53 -19.13 9.78
C ALA D 177 4.21 -19.89 9.69
N ALA D 178 4.19 -21.08 10.32
CA ALA D 178 3.03 -21.93 10.31
C ALA D 178 1.84 -21.21 10.96
N GLN D 179 2.09 -20.54 12.09
CA GLN D 179 1.04 -19.81 12.79
C GLN D 179 0.43 -18.75 11.88
N VAL D 180 1.31 -17.96 11.23
CA VAL D 180 0.89 -16.85 10.37
C VAL D 180 0.10 -17.38 9.19
N LYS D 181 0.56 -18.51 8.64
CA LYS D 181 -0.03 -19.15 7.47
C LYS D 181 -1.48 -19.55 7.74
N ALA D 182 -1.73 -20.10 8.93
CA ALA D 182 -2.96 -20.81 9.21
C ALA D 182 -4.16 -19.99 8.76
N PRO D 183 -4.36 -18.74 9.22
CA PRO D 183 -5.58 -18.01 8.88
C PRO D 183 -5.61 -17.44 7.45
N LEU D 184 -4.57 -17.72 6.65
CA LEU D 184 -4.54 -17.14 5.30
C LEU D 184 -5.40 -17.95 4.34
N VAL D 185 -5.79 -19.17 4.75
CA VAL D 185 -6.56 -20.11 3.95
C VAL D 185 -5.86 -20.36 2.60
N LEU D 186 -4.55 -20.64 2.67
CA LEU D 186 -3.82 -21.02 1.46
C LEU D 186 -4.03 -22.52 1.20
N LYS D 187 -3.79 -22.93 -0.06
CA LYS D 187 -4.05 -24.26 -0.60
C LYS D 187 -2.74 -25.05 -0.56
N ALA E 1 -25.33 12.06 34.89
CA ALA E 1 -25.15 10.62 35.22
C ALA E 1 -23.70 10.18 34.92
N SER E 2 -23.11 9.48 35.89
CA SER E 2 -21.70 9.14 35.87
C SER E 2 -21.43 8.14 34.75
N LYS E 3 -20.26 8.22 34.12
CA LYS E 3 -19.75 7.07 33.37
C LYS E 3 -19.31 5.98 34.35
N ARG E 4 -19.23 4.72 33.90
CA ARG E 4 -19.00 3.54 34.75
C ARG E 4 -17.92 2.64 34.13
N ALA E 5 -17.06 2.12 34.99
CA ALA E 5 -15.94 1.28 34.57
C ALA E 5 -15.93 -0.01 35.39
N LEU E 6 -15.67 -1.12 34.71
CA LEU E 6 -15.46 -2.39 35.36
C LEU E 6 -13.98 -2.77 35.24
N VAL E 7 -13.32 -2.96 36.39
CA VAL E 7 -11.95 -3.40 36.43
C VAL E 7 -11.92 -4.83 36.99
N ILE E 8 -11.47 -5.77 36.14
CA ILE E 8 -11.50 -7.19 36.49
C ILE E 8 -10.18 -7.59 37.13
N LEU E 9 -10.25 -7.96 38.42
CA LEU E 9 -9.07 -8.19 39.23
C LEU E 9 -8.91 -9.68 39.52
N ALA E 10 -7.85 -10.25 38.93
CA ALA E 10 -7.53 -11.67 39.04
C ALA E 10 -6.27 -11.87 39.88
N LYS E 11 -6.16 -13.05 40.49
CA LYS E 11 -4.97 -13.40 41.25
C LYS E 11 -3.74 -13.29 40.35
N GLY E 12 -2.69 -12.62 40.85
CA GLY E 12 -1.46 -12.45 40.07
C GLY E 12 -1.47 -11.19 39.18
N ALA E 13 -2.55 -10.39 39.27
CA ALA E 13 -2.63 -9.11 38.58
C ALA E 13 -1.51 -8.18 39.04
N GLU E 14 -1.00 -7.37 38.11
CA GLU E 14 -0.06 -6.34 38.50
C GLU E 14 -0.83 -5.27 39.26
N GLU E 15 -0.46 -5.06 40.52
CA GLU E 15 -1.22 -4.21 41.41
C GLU E 15 -1.17 -2.72 41.00
N MET E 16 -0.05 -2.29 40.40
CA MET E 16 0.10 -0.92 39.94
C MET E 16 -0.78 -0.67 38.71
N GLU E 17 -0.88 -1.66 37.82
CA GLU E 17 -1.72 -1.55 36.63
C GLU E 17 -3.20 -1.67 36.97
N THR E 18 -3.51 -2.11 38.20
CA THR E 18 -4.87 -2.17 38.72
C THR E 18 -5.21 -0.84 39.38
N VAL E 19 -4.37 -0.43 40.35
CA VAL E 19 -4.62 0.70 41.23
C VAL E 19 -4.56 2.03 40.49
N ILE E 20 -3.57 2.20 39.60
CA ILE E 20 -3.39 3.46 38.89
C ILE E 20 -4.68 3.77 38.10
N PRO E 21 -5.17 2.87 37.21
CA PRO E 21 -6.41 3.17 36.47
C PRO E 21 -7.62 3.37 37.36
N VAL E 22 -7.77 2.59 38.44
CA VAL E 22 -8.91 2.74 39.33
C VAL E 22 -8.91 4.15 39.93
N ASP E 23 -7.75 4.55 40.47
CA ASP E 23 -7.54 5.82 41.17
C ASP E 23 -7.82 6.96 40.19
N VAL E 24 -7.11 6.95 39.05
CA VAL E 24 -7.16 8.00 38.05
C VAL E 24 -8.60 8.14 37.54
N MET E 25 -9.27 7.00 37.29
CA MET E 25 -10.61 7.04 36.77
C MET E 25 -11.55 7.63 37.82
N ARG E 26 -11.32 7.28 39.10
CA ARG E 26 -12.15 7.80 40.18
C ARG E 26 -11.95 9.31 40.29
N ARG E 27 -10.71 9.77 40.08
CA ARG E 27 -10.46 11.20 40.07
C ARG E 27 -11.25 11.89 38.96
N ALA E 28 -11.56 11.17 37.88
CA ALA E 28 -12.25 11.73 36.74
C ALA E 28 -13.77 11.70 36.93
N GLY E 29 -14.24 11.19 38.06
CA GLY E 29 -15.67 11.13 38.30
C GLY E 29 -16.33 9.90 37.66
N ILE E 30 -15.54 8.92 37.26
CA ILE E 30 -16.07 7.64 36.81
C ILE E 30 -16.44 6.79 38.03
N LYS E 31 -17.58 6.12 37.96
CA LYS E 31 -17.93 5.13 38.98
C LYS E 31 -17.24 3.80 38.64
N VAL E 32 -16.24 3.44 39.46
CA VAL E 32 -15.44 2.26 39.17
C VAL E 32 -15.89 1.13 40.09
N THR E 33 -16.11 -0.05 39.49
CA THR E 33 -16.27 -1.28 40.24
C THR E 33 -15.05 -2.17 40.05
N VAL E 34 -14.35 -2.45 41.14
CA VAL E 34 -13.26 -3.43 41.14
C VAL E 34 -13.86 -4.81 41.42
N ALA E 35 -13.89 -5.64 40.37
CA ALA E 35 -14.59 -6.91 40.42
C ALA E 35 -13.61 -8.09 40.50
N GLY E 36 -13.71 -8.86 41.60
CA GLY E 36 -12.88 -10.03 41.82
C GLY E 36 -13.31 -11.18 40.91
N LEU E 37 -12.39 -11.63 40.08
CA LEU E 37 -12.67 -12.69 39.12
C LEU E 37 -13.30 -13.92 39.79
N ALA E 38 -12.75 -14.35 40.93
CA ALA E 38 -13.28 -15.54 41.60
C ALA E 38 -13.86 -15.13 42.95
N GLY E 39 -14.63 -14.03 42.93
CA GLY E 39 -15.47 -13.74 44.07
C GLY E 39 -15.06 -12.47 44.79
N LYS E 40 -15.59 -12.29 46.00
CA LYS E 40 -15.45 -11.08 46.79
C LYS E 40 -14.18 -11.13 47.64
N ASP E 41 -13.51 -12.29 47.65
CA ASP E 41 -12.33 -12.56 48.46
C ASP E 41 -11.21 -11.62 48.07
N PRO E 42 -10.37 -11.20 49.06
CA PRO E 42 -9.15 -10.44 48.78
C PRO E 42 -8.24 -11.13 47.77
N VAL E 43 -7.63 -10.34 46.89
CA VAL E 43 -6.88 -10.83 45.76
C VAL E 43 -5.41 -10.53 45.98
N GLN E 44 -4.59 -11.58 45.98
CA GLN E 44 -3.15 -11.44 46.05
C GLN E 44 -2.61 -11.12 44.65
N CYS E 45 -1.95 -9.97 44.57
CA CYS E 45 -1.41 -9.49 43.31
C CYS E 45 0.03 -9.98 43.12
N SER E 46 0.62 -9.58 41.97
CA SER E 46 1.90 -10.10 41.51
C SER E 46 3.00 -9.86 42.55
N ARG E 47 2.96 -8.71 43.25
CA ARG E 47 3.95 -8.37 44.26
C ARG E 47 3.33 -8.36 45.66
N ASP E 48 2.31 -9.20 45.86
CA ASP E 48 1.74 -9.59 47.15
C ASP E 48 0.97 -8.46 47.82
N VAL E 49 0.74 -7.34 47.12
CA VAL E 49 -0.26 -6.38 47.55
C VAL E 49 -1.61 -7.09 47.45
N VAL E 50 -2.40 -6.99 48.53
CA VAL E 50 -3.68 -7.68 48.62
C VAL E 50 -4.79 -6.64 48.55
N ILE E 51 -5.59 -6.76 47.49
CA ILE E 51 -6.61 -5.78 47.20
C ILE E 51 -7.96 -6.46 47.40
N CYS E 52 -8.83 -5.78 48.15
CA CYS E 52 -10.18 -6.26 48.40
C CYS E 52 -11.10 -5.70 47.31
N PRO E 53 -11.71 -6.60 46.49
CA PRO E 53 -12.59 -6.13 45.42
C PRO E 53 -13.84 -5.54 46.05
N ASP E 54 -14.55 -4.71 45.28
CA ASP E 54 -15.79 -4.08 45.70
C ASP E 54 -16.89 -5.14 45.74
N ALA E 55 -16.77 -6.12 44.83
CA ALA E 55 -17.66 -7.26 44.75
C ALA E 55 -17.04 -8.33 43.86
N SER E 56 -17.77 -9.45 43.77
CA SER E 56 -17.51 -10.50 42.80
C SER E 56 -17.82 -10.00 41.40
N LEU E 57 -17.16 -10.60 40.40
CA LEU E 57 -17.48 -10.34 39.00
C LEU E 57 -18.93 -10.70 38.75
N GLU E 58 -19.38 -11.82 39.34
CA GLU E 58 -20.77 -12.29 39.26
C GLU E 58 -21.71 -11.12 39.50
N ASP E 59 -21.55 -10.48 40.67
CA ASP E 59 -22.45 -9.42 41.12
C ASP E 59 -22.25 -8.14 40.30
N ALA E 60 -20.98 -7.85 39.96
CA ALA E 60 -20.67 -6.64 39.21
C ALA E 60 -21.34 -6.70 37.85
N LYS E 61 -21.33 -7.89 37.24
CA LYS E 61 -21.86 -8.10 35.90
C LYS E 61 -23.33 -7.72 35.87
N LYS E 62 -24.03 -8.02 36.98
CA LYS E 62 -25.45 -7.81 37.10
C LYS E 62 -25.79 -6.33 37.12
N GLU E 63 -24.81 -5.49 37.52
CA GLU E 63 -25.01 -4.06 37.65
C GLU E 63 -24.55 -3.31 36.40
N GLY E 64 -24.19 -4.06 35.35
CA GLY E 64 -23.77 -3.47 34.08
C GLY E 64 -24.94 -2.88 33.28
N PRO E 65 -24.71 -2.24 32.11
CA PRO E 65 -23.43 -2.31 31.38
C PRO E 65 -22.43 -1.24 31.82
N TYR E 66 -21.16 -1.46 31.45
CA TYR E 66 -20.12 -0.49 31.77
C TYR E 66 -19.60 0.17 30.49
N ASP E 67 -19.22 1.45 30.63
CA ASP E 67 -18.71 2.26 29.54
C ASP E 67 -17.32 1.78 29.12
N VAL E 68 -16.59 1.15 30.06
CA VAL E 68 -15.30 0.53 29.77
C VAL E 68 -15.14 -0.74 30.62
N VAL E 69 -14.52 -1.75 30.02
CA VAL E 69 -14.02 -2.92 30.73
C VAL E 69 -12.50 -2.85 30.64
N VAL E 70 -11.87 -2.87 31.83
CA VAL E 70 -10.44 -2.70 31.99
C VAL E 70 -9.81 -4.02 32.42
N LEU E 71 -8.80 -4.45 31.65
CA LEU E 71 -8.02 -5.62 31.98
C LEU E 71 -6.63 -5.18 32.42
N PRO E 72 -6.29 -5.26 33.73
CA PRO E 72 -4.91 -5.08 34.18
C PRO E 72 -4.08 -6.24 33.65
N GLY E 73 -2.77 -6.07 33.72
CA GLY E 73 -1.83 -7.10 33.29
C GLY E 73 -1.27 -7.87 34.49
N GLY E 74 0.01 -8.23 34.39
CA GLY E 74 0.57 -9.29 35.20
C GLY E 74 0.41 -10.64 34.47
N ASN E 75 1.49 -11.42 34.42
CA ASN E 75 1.53 -12.65 33.62
C ASN E 75 0.40 -13.57 34.06
N LEU E 76 0.35 -13.88 35.37
CA LEU E 76 -0.63 -14.79 35.94
C LEU E 76 -2.02 -14.17 35.90
N GLY E 77 -2.10 -12.89 36.24
CA GLY E 77 -3.35 -12.16 36.16
C GLY E 77 -4.00 -12.35 34.79
N ALA E 78 -3.22 -12.11 33.73
CA ALA E 78 -3.69 -12.18 32.36
C ALA E 78 -4.06 -13.62 31.99
N GLN E 79 -3.28 -14.58 32.50
CA GLN E 79 -3.58 -15.98 32.27
C GLN E 79 -4.93 -16.31 32.88
N ASN E 80 -5.17 -15.79 34.09
CA ASN E 80 -6.41 -16.06 34.80
C ASN E 80 -7.59 -15.47 34.03
N LEU E 81 -7.45 -14.24 33.49
CA LEU E 81 -8.49 -13.62 32.70
C LEU E 81 -8.76 -14.45 31.45
N SER E 82 -7.68 -14.96 30.84
CA SER E 82 -7.71 -15.71 29.60
C SER E 82 -8.48 -17.02 29.73
N GLU E 83 -8.56 -17.56 30.96
CA GLU E 83 -9.12 -18.88 31.24
C GLU E 83 -10.56 -18.80 31.71
N SER E 84 -11.04 -17.58 31.94
CA SER E 84 -12.38 -17.37 32.50
C SER E 84 -13.42 -17.27 31.39
N ALA E 85 -14.43 -18.16 31.46
CA ALA E 85 -15.58 -18.14 30.55
C ALA E 85 -16.43 -16.88 30.78
N ALA E 86 -16.50 -16.47 32.05
CA ALA E 86 -17.24 -15.26 32.41
C ALA E 86 -16.60 -14.05 31.72
N VAL E 87 -15.26 -14.01 31.70
CA VAL E 87 -14.58 -12.87 31.10
C VAL E 87 -14.87 -12.87 29.61
N LYS E 88 -14.81 -14.05 28.99
CA LYS E 88 -15.09 -14.18 27.56
C LYS E 88 -16.45 -13.56 27.23
N GLU E 89 -17.46 -13.92 28.03
CA GLU E 89 -18.83 -13.50 27.82
C GLU E 89 -18.91 -11.98 27.88
N ILE E 90 -18.27 -11.40 28.91
CA ILE E 90 -18.27 -9.96 29.18
C ILE E 90 -17.61 -9.20 28.02
N LEU E 91 -16.48 -9.71 27.53
CA LEU E 91 -15.75 -9.02 26.48
C LEU E 91 -16.52 -9.11 25.16
N LYS E 92 -17.07 -10.30 24.88
CA LYS E 92 -17.81 -10.49 23.65
C LYS E 92 -18.95 -9.47 23.60
N GLU E 93 -19.69 -9.40 24.72
CA GLU E 93 -20.87 -8.55 24.82
C GLU E 93 -20.49 -7.08 24.78
N GLN E 94 -19.33 -6.70 25.36
CA GLN E 94 -18.86 -5.32 25.38
C GLN E 94 -18.48 -4.88 23.97
N GLU E 95 -17.81 -5.77 23.24
CA GLU E 95 -17.41 -5.53 21.86
C GLU E 95 -18.66 -5.32 21.00
N ASN E 96 -19.66 -6.15 21.29
CA ASN E 96 -20.94 -6.18 20.61
C ASN E 96 -21.69 -4.87 20.78
N ARG E 97 -21.77 -4.38 22.03
CA ARG E 97 -22.56 -3.19 22.37
C ARG E 97 -21.74 -1.93 22.08
N LYS E 98 -20.58 -2.10 21.43
CA LYS E 98 -19.75 -0.97 21.05
C LYS E 98 -19.35 -0.21 22.33
N GLY E 99 -18.89 -0.96 23.32
CA GLY E 99 -18.26 -0.41 24.49
C GLY E 99 -16.74 -0.55 24.42
N LEU E 100 -16.07 0.33 25.17
CA LEU E 100 -14.63 0.40 25.19
C LEU E 100 -14.07 -0.78 25.97
N ILE E 101 -12.98 -1.35 25.44
CA ILE E 101 -12.19 -2.36 26.12
C ILE E 101 -10.75 -1.85 26.18
N ALA E 102 -10.20 -1.81 27.40
CA ALA E 102 -8.87 -1.29 27.64
C ALA E 102 -8.06 -2.36 28.38
N ALA E 103 -6.87 -2.66 27.84
CA ALA E 103 -6.02 -3.68 28.41
C ALA E 103 -4.56 -3.22 28.43
N ILE E 104 -3.87 -3.49 29.54
CA ILE E 104 -2.49 -3.03 29.70
C ILE E 104 -1.55 -4.21 29.97
N CYS E 105 -0.35 -4.12 29.38
CA CYS E 105 0.81 -4.95 29.66
C CYS E 105 0.62 -6.37 29.11
N ALA E 106 0.31 -7.35 29.98
CA ALA E 106 -0.03 -8.68 29.49
C ALA E 106 -1.54 -8.77 29.25
N GLY E 107 -2.28 -7.79 29.79
CA GLY E 107 -3.73 -7.76 29.73
C GLY E 107 -4.27 -8.04 28.32
N PRO E 108 -3.71 -7.43 27.27
CA PRO E 108 -4.20 -7.62 25.91
C PRO E 108 -4.22 -9.08 25.48
N THR E 109 -3.39 -9.92 26.10
CA THR E 109 -3.33 -11.32 25.70
C THR E 109 -4.65 -12.05 25.95
N ALA E 110 -5.44 -11.54 26.91
CA ALA E 110 -6.75 -12.08 27.20
C ALA E 110 -7.69 -11.79 26.02
N LEU E 111 -7.45 -10.65 25.34
CA LEU E 111 -8.23 -10.33 24.15
C LEU E 111 -8.04 -11.44 23.12
N LEU E 112 -6.79 -11.85 22.94
CA LEU E 112 -6.45 -12.89 21.98
C LEU E 112 -7.13 -14.19 22.36
N ALA E 113 -7.05 -14.53 23.66
CA ALA E 113 -7.60 -15.77 24.19
C ALA E 113 -9.09 -15.84 23.92
N HIS E 114 -9.78 -14.71 24.01
CA HIS E 114 -11.22 -14.74 23.86
C HIS E 114 -11.65 -14.25 22.47
N GLU E 115 -10.71 -14.09 21.53
CA GLU E 115 -11.00 -13.72 20.16
C GLU E 115 -11.74 -12.38 20.10
N ILE E 116 -11.16 -11.40 20.79
CA ILE E 116 -11.70 -10.06 20.90
C ILE E 116 -10.88 -9.09 20.05
N GLY E 117 -11.59 -8.36 19.15
CA GLY E 117 -11.07 -7.20 18.44
C GLY E 117 -9.98 -7.55 17.43
N PHE E 118 -10.12 -8.73 16.84
CA PHE E 118 -9.18 -9.17 15.84
C PHE E 118 -9.08 -8.12 14.75
N GLY E 119 -7.87 -7.91 14.22
CA GLY E 119 -7.62 -6.94 13.16
C GLY E 119 -7.25 -5.57 13.71
N SER E 120 -7.27 -5.43 15.05
CA SER E 120 -7.00 -4.16 15.72
C SER E 120 -5.49 -3.91 15.80
N LYS E 121 -5.12 -2.62 15.75
CA LYS E 121 -3.77 -2.19 16.11
C LYS E 121 -3.68 -2.21 17.63
N VAL E 122 -2.66 -2.91 18.14
CA VAL E 122 -2.51 -3.12 19.57
C VAL E 122 -1.05 -2.90 19.95
N THR E 123 -0.84 -2.54 21.22
CA THR E 123 0.45 -2.68 21.87
C THR E 123 0.31 -3.60 23.09
N THR E 124 1.44 -4.09 23.58
CA THR E 124 1.51 -4.89 24.78
C THR E 124 2.86 -4.61 25.43
N HIS E 125 3.10 -5.23 26.59
CA HIS E 125 4.45 -5.26 27.10
C HIS E 125 5.32 -5.87 26.01
N PRO E 126 6.56 -5.38 25.82
CA PRO E 126 7.49 -6.03 24.90
C PRO E 126 7.55 -7.55 25.02
N LEU E 127 7.47 -8.05 26.27
CA LEU E 127 7.63 -9.46 26.55
C LEU E 127 6.45 -10.28 26.01
N ALA E 128 5.31 -9.60 25.80
CA ALA E 128 4.04 -10.26 25.56
C ALA E 128 3.69 -10.17 24.09
N LYS E 129 4.57 -9.51 23.30
CA LYS E 129 4.35 -9.31 21.88
C LYS E 129 4.15 -10.67 21.19
N ASP E 130 5.06 -11.63 21.47
CA ASP E 130 5.08 -12.97 20.87
C ASP E 130 3.73 -13.68 21.00
N LYS E 131 3.27 -13.68 22.25
CA LYS E 131 2.00 -14.31 22.59
C LYS E 131 0.86 -13.59 21.88
N MET E 132 0.88 -12.25 21.85
CA MET E 132 -0.21 -11.48 21.30
C MET E 132 -0.28 -11.65 19.78
N MET E 133 0.89 -11.77 19.15
CA MET E 133 0.98 -11.80 17.69
C MET E 133 0.84 -13.23 17.17
N ASN E 134 0.65 -14.19 18.08
CA ASN E 134 0.37 -15.59 17.72
C ASN E 134 -0.88 -15.67 16.85
N GLY E 135 -0.67 -15.94 15.56
CA GLY E 135 -1.77 -16.09 14.60
C GLY E 135 -1.93 -14.88 13.68
N GLY E 136 -1.24 -13.78 14.00
CA GLY E 136 -1.33 -12.56 13.23
C GLY E 136 -2.75 -11.98 13.20
N HIS E 137 -3.39 -11.94 14.37
CA HIS E 137 -4.76 -11.49 14.49
C HIS E 137 -4.81 -10.01 14.86
N TYR E 138 -3.64 -9.41 15.02
CA TYR E 138 -3.50 -7.99 15.29
C TYR E 138 -2.34 -7.40 14.47
N THR E 139 -2.34 -6.07 14.36
CA THR E 139 -1.16 -5.33 13.94
C THR E 139 -0.49 -4.74 15.17
N TYR E 140 0.84 -4.90 15.27
CA TYR E 140 1.52 -4.50 16.49
C TYR E 140 1.99 -3.04 16.43
N SER E 141 1.98 -2.36 17.59
CA SER E 141 2.33 -0.96 17.72
C SER E 141 3.32 -0.79 18.87
N GLU E 142 4.28 0.16 18.68
CA GLU E 142 5.31 0.45 19.68
C GLU E 142 4.95 1.69 20.51
N ASN E 143 3.81 2.30 20.20
CA ASN E 143 3.32 3.43 20.97
C ASN E 143 3.02 3.02 22.40
N ARG E 144 3.27 3.96 23.31
CA ARG E 144 3.08 3.77 24.74
C ARG E 144 1.62 3.46 25.04
N VAL E 145 0.74 4.21 24.37
CA VAL E 145 -0.69 3.92 24.36
C VAL E 145 -1.15 3.81 22.92
N GLU E 146 -2.00 2.80 22.67
CA GLU E 146 -2.60 2.59 21.37
C GLU E 146 -4.12 2.56 21.51
N LYS E 147 -4.81 3.35 20.69
CA LYS E 147 -6.26 3.31 20.62
C LYS E 147 -6.67 3.14 19.15
N ASP E 148 -7.33 2.01 18.88
CA ASP E 148 -7.87 1.69 17.57
C ASP E 148 -9.36 1.36 17.72
N GLY E 149 -10.20 2.38 17.48
CA GLY E 149 -11.63 2.27 17.75
C GLY E 149 -11.92 2.08 19.23
N LEU E 150 -12.51 0.92 19.59
CA LEU E 150 -12.93 0.62 20.96
C LEU E 150 -11.96 -0.35 21.63
N ILE E 151 -10.76 -0.47 21.05
CA ILE E 151 -9.70 -1.29 21.61
C ILE E 151 -8.55 -0.38 22.01
N LEU E 152 -8.35 -0.27 23.31
CA LEU E 152 -7.30 0.58 23.83
C LEU E 152 -6.29 -0.25 24.60
N THR E 153 -5.01 -0.16 24.20
CA THR E 153 -3.96 -0.99 24.80
C THR E 153 -2.79 -0.12 25.25
N SER E 154 -1.95 -0.69 26.13
CA SER E 154 -0.79 0.00 26.64
C SER E 154 0.24 -1.02 27.10
N ARG E 155 1.42 -0.56 27.53
CA ARG E 155 2.59 -1.43 27.52
C ARG E 155 3.01 -1.98 28.89
N GLY E 156 2.87 -1.20 29.97
CA GLY E 156 3.41 -1.69 31.22
C GLY E 156 3.17 -0.75 32.40
N PRO E 157 3.68 -1.09 33.60
CA PRO E 157 3.50 -0.25 34.78
C PRO E 157 3.83 1.22 34.47
N GLY E 158 4.90 1.43 33.69
CA GLY E 158 5.41 2.75 33.39
C GLY E 158 4.55 3.54 32.39
N THR E 159 3.55 2.87 31.78
CA THR E 159 2.63 3.55 30.89
C THR E 159 1.23 3.65 31.51
N SER E 160 1.10 3.27 32.78
CA SER E 160 -0.20 3.11 33.43
C SER E 160 -0.96 4.43 33.50
N PHE E 161 -0.25 5.52 33.82
CA PHE E 161 -0.91 6.80 33.92
C PHE E 161 -1.45 7.23 32.56
N GLU E 162 -0.63 7.04 31.51
CA GLU E 162 -1.03 7.41 30.15
C GLU E 162 -2.24 6.61 29.70
N PHE E 163 -2.22 5.32 30.04
CA PHE E 163 -3.29 4.39 29.72
C PHE E 163 -4.57 4.88 30.39
N ALA E 164 -4.49 5.13 31.69
CA ALA E 164 -5.63 5.55 32.49
C ALA E 164 -6.20 6.87 31.96
N LEU E 165 -5.32 7.83 31.64
CA LEU E 165 -5.79 9.13 31.19
C LEU E 165 -6.41 9.05 29.79
N ALA E 166 -5.96 8.06 29.01
CA ALA E 166 -6.54 7.83 27.69
C ALA E 166 -7.98 7.33 27.82
N ILE E 167 -8.21 6.49 28.85
CA ILE E 167 -9.55 6.01 29.15
C ILE E 167 -10.44 7.17 29.59
N VAL E 168 -9.91 8.03 30.47
CA VAL E 168 -10.64 9.19 30.92
C VAL E 168 -11.06 10.04 29.71
N GLU E 169 -10.13 10.24 28.78
CA GLU E 169 -10.38 11.06 27.60
C GLU E 169 -11.48 10.44 26.75
N ALA E 170 -11.43 9.11 26.61
CA ALA E 170 -12.39 8.38 25.84
C ALA E 170 -13.79 8.49 26.46
N LEU E 171 -13.88 8.49 27.79
CA LEU E 171 -15.18 8.45 28.44
C LEU E 171 -15.72 9.86 28.64
N ASN E 172 -14.82 10.76 29.10
CA ASN E 172 -15.26 12.01 29.69
C ASN E 172 -14.79 13.22 28.88
N GLY E 173 -13.96 13.01 27.85
CA GLY E 173 -13.50 14.10 27.00
C GLY E 173 -12.16 14.67 27.44
N LYS E 174 -11.58 15.51 26.58
CA LYS E 174 -10.20 15.97 26.71
C LYS E 174 -10.04 16.86 27.94
N GLU E 175 -11.04 17.73 28.17
CA GLU E 175 -10.92 18.75 29.20
C GLU E 175 -10.86 18.07 30.57
N VAL E 176 -11.72 17.07 30.79
CA VAL E 176 -11.74 16.35 32.05
C VAL E 176 -10.38 15.68 32.27
N ALA E 177 -9.85 15.04 31.21
CA ALA E 177 -8.59 14.32 31.30
C ALA E 177 -7.48 15.26 31.74
N ALA E 178 -7.46 16.45 31.11
CA ALA E 178 -6.44 17.45 31.40
C ALA E 178 -6.54 17.89 32.86
N GLN E 179 -7.77 18.11 33.35
CA GLN E 179 -7.99 18.51 34.73
C GLN E 179 -7.38 17.47 35.68
N VAL E 180 -7.72 16.19 35.44
CA VAL E 180 -7.31 15.09 36.29
C VAL E 180 -5.80 14.95 36.26
N LYS E 181 -5.21 15.13 35.07
CA LYS E 181 -3.78 14.97 34.83
C LYS E 181 -2.98 15.97 35.65
N ALA E 182 -3.45 17.23 35.69
CA ALA E 182 -2.65 18.33 36.16
C ALA E 182 -1.99 17.97 37.49
N PRO E 183 -2.75 17.59 38.56
CA PRO E 183 -2.16 17.34 39.87
C PRO E 183 -1.42 16.02 40.01
N LEU E 184 -1.27 15.26 38.92
CA LEU E 184 -0.58 13.98 39.02
C LEU E 184 0.93 14.14 39.03
N VAL E 185 1.40 15.32 38.61
CA VAL E 185 2.82 15.64 38.52
C VAL E 185 3.53 14.62 37.63
N LEU E 186 2.95 14.36 36.46
CA LEU E 186 3.63 13.60 35.43
C LEU E 186 4.53 14.58 34.67
N LYS E 187 5.58 14.05 34.01
CA LYS E 187 6.44 14.82 33.10
C LYS E 187 5.96 14.61 31.66
N ALA F 1 22.03 -11.03 53.09
CA ALA F 1 20.83 -10.62 53.92
C ALA F 1 20.14 -9.38 53.35
N SER F 2 18.87 -9.53 52.98
CA SER F 2 18.13 -8.55 52.21
C SER F 2 17.97 -7.26 53.00
N LYS F 3 17.94 -6.14 52.30
CA LYS F 3 17.51 -4.89 52.90
C LYS F 3 16.01 -4.93 53.18
N ARG F 4 15.54 -4.08 54.12
CA ARG F 4 14.17 -4.11 54.66
C ARG F 4 13.57 -2.70 54.67
N ALA F 5 12.29 -2.63 54.29
CA ALA F 5 11.58 -1.36 54.19
C ALA F 5 10.26 -1.45 54.95
N LEU F 6 9.95 -0.40 55.71
CA LEU F 6 8.66 -0.28 56.37
C LEU F 6 7.86 0.81 55.66
N VAL F 7 6.68 0.42 55.17
CA VAL F 7 5.74 1.35 54.55
C VAL F 7 4.55 1.50 55.48
N ILE F 8 4.35 2.72 56.00
CA ILE F 8 3.30 3.00 56.97
C ILE F 8 2.02 3.44 56.24
N LEU F 9 0.98 2.61 56.35
CA LEU F 9 -0.24 2.76 55.56
C LEU F 9 -1.39 3.22 56.45
N ALA F 10 -1.81 4.48 56.23
CA ALA F 10 -2.86 5.13 56.99
C ALA F 10 -4.12 5.30 56.15
N LYS F 11 -5.25 5.39 56.84
CA LYS F 11 -6.51 5.69 56.18
C LYS F 11 -6.40 7.01 55.42
N GLY F 12 -6.85 7.02 54.16
CA GLY F 12 -6.79 8.24 53.35
C GLY F 12 -5.48 8.41 52.59
N ALA F 13 -4.56 7.42 52.72
CA ALA F 13 -3.31 7.39 51.97
C ALA F 13 -3.60 7.35 50.46
N GLU F 14 -2.73 8.00 49.71
CA GLU F 14 -2.81 7.89 48.26
C GLU F 14 -2.34 6.49 47.88
N GLU F 15 -3.22 5.72 47.27
CA GLU F 15 -2.95 4.32 47.02
C GLU F 15 -1.86 4.09 45.96
N MET F 16 -1.71 5.01 45.00
CA MET F 16 -0.67 4.93 43.99
C MET F 16 0.71 5.17 44.64
N GLU F 17 0.78 6.12 45.59
CA GLU F 17 2.02 6.45 46.28
C GLU F 17 2.38 5.38 47.31
N THR F 18 1.43 4.49 47.61
CA THR F 18 1.65 3.34 48.50
C THR F 18 2.16 2.15 47.67
N VAL F 19 1.37 1.81 46.64
CA VAL F 19 1.54 0.56 45.90
C VAL F 19 2.78 0.62 45.01
N ILE F 20 3.02 1.75 44.35
CA ILE F 20 4.16 1.88 43.45
C ILE F 20 5.44 1.60 44.23
N PRO F 21 5.76 2.29 45.35
CA PRO F 21 6.98 2.00 46.09
C PRO F 21 7.07 0.58 46.64
N VAL F 22 5.95 0.02 47.11
CA VAL F 22 5.96 -1.34 47.65
C VAL F 22 6.38 -2.33 46.55
N ASP F 23 5.72 -2.19 45.39
CA ASP F 23 5.90 -3.08 44.25
C ASP F 23 7.34 -2.97 43.76
N VAL F 24 7.76 -1.73 43.45
CA VAL F 24 9.07 -1.42 42.89
C VAL F 24 10.16 -1.92 43.85
N MET F 25 9.97 -1.70 45.15
CA MET F 25 10.97 -2.11 46.12
C MET F 25 11.04 -3.63 46.17
N ARG F 26 9.87 -4.30 46.08
CA ARG F 26 9.85 -5.75 46.08
C ARG F 26 10.55 -6.30 44.84
N ARG F 27 10.39 -5.61 43.71
CA ARG F 27 11.11 -6.00 42.50
C ARG F 27 12.61 -5.89 42.73
N ALA F 28 13.06 -5.00 43.63
CA ALA F 28 14.47 -4.79 43.89
C ALA F 28 15.03 -5.79 44.89
N GLY F 29 14.19 -6.70 45.39
CA GLY F 29 14.65 -7.68 46.35
C GLY F 29 14.66 -7.15 47.79
N ILE F 30 14.00 -6.01 48.02
CA ILE F 30 13.84 -5.50 49.36
C ILE F 30 12.71 -6.27 50.04
N LYS F 31 12.90 -6.61 51.31
CA LYS F 31 11.81 -7.17 52.10
C LYS F 31 10.96 -6.03 52.63
N VAL F 32 9.74 -5.89 52.08
CA VAL F 32 8.88 -4.78 52.41
C VAL F 32 7.80 -5.27 53.37
N THR F 33 7.61 -4.51 54.45
CA THR F 33 6.48 -4.70 55.34
C THR F 33 5.51 -3.53 55.18
N VAL F 34 4.30 -3.83 54.71
CA VAL F 34 3.23 -2.84 54.69
C VAL F 34 2.53 -2.87 56.03
N ALA F 35 2.75 -1.81 56.83
CA ALA F 35 2.27 -1.77 58.20
C ALA F 35 1.08 -0.82 58.33
N GLY F 36 -0.05 -1.37 58.78
CA GLY F 36 -1.26 -0.60 59.02
C GLY F 36 -1.09 0.25 60.27
N LEU F 37 -1.20 1.57 60.09
CA LEU F 37 -1.07 2.52 61.19
C LEU F 37 -2.01 2.15 62.34
N ALA F 38 -3.26 1.80 62.01
CA ALA F 38 -4.27 1.52 63.02
C ALA F 38 -4.53 0.03 63.16
N GLY F 39 -3.57 -0.81 62.81
CA GLY F 39 -3.72 -2.24 63.06
C GLY F 39 -3.66 -3.04 61.77
N LYS F 40 -4.16 -4.28 61.84
CA LYS F 40 -4.05 -5.25 60.77
C LYS F 40 -5.22 -5.13 59.80
N ASP F 41 -6.21 -4.30 60.16
CA ASP F 41 -7.43 -4.13 59.40
C ASP F 41 -7.13 -3.57 58.03
N PRO F 42 -7.92 -3.98 56.99
CA PRO F 42 -7.84 -3.36 55.67
C PRO F 42 -8.03 -1.84 55.71
N VAL F 43 -7.28 -1.14 54.87
CA VAL F 43 -7.15 0.31 54.90
C VAL F 43 -7.79 0.88 53.65
N GLN F 44 -8.79 1.76 53.87
CA GLN F 44 -9.41 2.50 52.80
C GLN F 44 -8.54 3.70 52.42
N CYS F 45 -8.12 3.71 51.15
CA CYS F 45 -7.25 4.76 50.64
C CYS F 45 -8.07 5.92 50.04
N SER F 46 -7.35 6.94 49.56
CA SER F 46 -7.93 8.20 49.11
C SER F 46 -9.00 7.98 48.03
N ARG F 47 -8.77 7.03 47.11
CA ARG F 47 -9.69 6.72 46.02
C ARG F 47 -10.32 5.33 46.20
N ASP F 48 -10.47 4.93 47.46
CA ASP F 48 -11.29 3.80 47.90
C ASP F 48 -10.72 2.44 47.51
N VAL F 49 -9.47 2.42 47.01
CA VAL F 49 -8.73 1.17 46.95
C VAL F 49 -8.49 0.71 48.39
N VAL F 50 -8.82 -0.56 48.66
CA VAL F 50 -8.73 -1.10 50.01
C VAL F 50 -7.57 -2.10 50.07
N ILE F 51 -6.56 -1.77 50.86
CA ILE F 51 -5.33 -2.53 50.89
C ILE F 51 -5.23 -3.18 52.25
N CYS F 52 -4.92 -4.49 52.24
CA CYS F 52 -4.71 -5.25 53.45
C CYS F 52 -3.24 -5.20 53.83
N PRO F 53 -2.91 -4.62 55.02
CA PRO F 53 -1.52 -4.53 55.45
C PRO F 53 -1.03 -5.94 55.78
N ASP F 54 0.30 -6.10 55.78
CA ASP F 54 0.95 -7.36 56.10
C ASP F 54 0.84 -7.61 57.60
N ALA F 55 0.82 -6.52 58.37
CA ALA F 55 0.62 -6.53 59.82
C ALA F 55 0.30 -5.13 60.29
N SER F 56 0.02 -5.04 61.59
CA SER F 56 -0.06 -3.79 62.33
C SER F 56 1.31 -3.14 62.42
N LEU F 57 1.32 -1.82 62.57
CA LEU F 57 2.56 -1.11 62.83
C LEU F 57 3.19 -1.63 64.11
N GLU F 58 2.35 -1.90 65.12
CA GLU F 58 2.74 -2.48 66.39
C GLU F 58 3.69 -3.65 66.15
N ASP F 59 3.23 -4.64 65.37
CA ASP F 59 3.95 -5.87 65.13
C ASP F 59 5.15 -5.63 64.22
N ALA F 60 4.99 -4.75 63.24
CA ALA F 60 6.07 -4.46 62.32
C ALA F 60 7.25 -3.85 63.07
N LYS F 61 6.94 -2.98 64.03
CA LYS F 61 7.93 -2.25 64.81
C LYS F 61 8.81 -3.25 65.56
N LYS F 62 8.21 -4.35 65.99
CA LYS F 62 8.89 -5.37 66.77
C LYS F 62 9.93 -6.11 65.92
N GLU F 63 9.74 -6.10 64.58
CA GLU F 63 10.65 -6.78 63.67
C GLU F 63 11.72 -5.83 63.13
N GLY F 64 11.74 -4.59 63.60
CA GLY F 64 12.66 -3.57 63.11
C GLY F 64 14.07 -3.76 63.67
N PRO F 65 15.07 -2.93 63.28
CA PRO F 65 14.85 -1.68 62.53
C PRO F 65 14.81 -1.91 61.02
N TYR F 66 14.36 -0.89 60.27
CA TYR F 66 14.30 -1.00 58.82
C TYR F 66 15.31 -0.06 58.17
N ASP F 67 15.78 -0.43 56.96
CA ASP F 67 16.76 0.33 56.21
C ASP F 67 16.13 1.61 55.66
N VAL F 68 14.79 1.59 55.49
CA VAL F 68 14.04 2.78 55.11
C VAL F 68 12.66 2.73 55.76
N VAL F 69 12.19 3.91 56.18
CA VAL F 69 10.80 4.12 56.55
C VAL F 69 10.20 5.02 55.48
N VAL F 70 9.11 4.54 54.89
CA VAL F 70 8.44 5.18 53.77
C VAL F 70 7.09 5.73 54.24
N LEU F 71 6.89 7.03 53.99
CA LEU F 71 5.63 7.70 54.27
C LEU F 71 4.94 8.02 52.94
N PRO F 72 3.86 7.29 52.57
CA PRO F 72 3.04 7.69 51.42
C PRO F 72 2.34 8.99 51.76
N GLY F 73 1.81 9.64 50.72
CA GLY F 73 1.07 10.87 50.90
C GLY F 73 -0.44 10.62 50.87
N GLY F 74 -1.16 11.58 50.27
CA GLY F 74 -2.59 11.72 50.49
C GLY F 74 -2.82 12.68 51.66
N ASN F 75 -3.72 13.66 51.48
CA ASN F 75 -3.81 14.72 52.48
C ASN F 75 -4.22 14.15 53.84
N LEU F 76 -5.27 13.31 53.87
CA LEU F 76 -5.75 12.69 55.10
C LEU F 76 -4.78 11.63 55.61
N GLY F 77 -4.23 10.84 54.68
CA GLY F 77 -3.18 9.91 55.03
C GLY F 77 -2.08 10.59 55.83
N ALA F 78 -1.57 11.71 55.30
CA ALA F 78 -0.46 12.44 55.91
C ALA F 78 -0.88 13.05 57.24
N GLN F 79 -2.15 13.50 57.32
CA GLN F 79 -2.68 14.03 58.56
C GLN F 79 -2.65 12.92 59.61
N ASN F 80 -3.05 11.71 59.20
CA ASN F 80 -3.10 10.59 60.12
C ASN F 80 -1.70 10.24 60.63
N LEU F 81 -0.70 10.26 59.73
CA LEU F 81 0.68 9.98 60.12
C LEU F 81 1.16 11.05 61.09
N SER F 82 0.77 12.30 60.81
CA SER F 82 1.18 13.47 61.56
C SER F 82 0.68 13.44 63.01
N GLU F 83 -0.42 12.71 63.25
CA GLU F 83 -1.11 12.69 64.54
C GLU F 83 -0.68 11.48 65.39
N SER F 84 0.10 10.57 64.79
CA SER F 84 0.43 9.31 65.44
C SER F 84 1.71 9.44 66.26
N ALA F 85 1.59 9.14 67.56
CA ALA F 85 2.71 9.08 68.49
C ALA F 85 3.68 7.96 68.11
N ALA F 86 3.10 6.85 67.64
CA ALA F 86 3.89 5.71 67.20
C ALA F 86 4.79 6.11 66.03
N VAL F 87 4.24 6.90 65.11
CA VAL F 87 4.98 7.33 63.93
C VAL F 87 6.13 8.21 64.40
N LYS F 88 5.82 9.14 65.31
CA LYS F 88 6.83 10.04 65.86
C LYS F 88 8.03 9.24 66.39
N GLU F 89 7.72 8.20 67.19
CA GLU F 89 8.73 7.38 67.85
C GLU F 89 9.63 6.74 66.79
N ILE F 90 8.99 6.16 65.76
CA ILE F 90 9.67 5.43 64.69
C ILE F 90 10.59 6.35 63.91
N LEU F 91 10.12 7.55 63.60
CA LEU F 91 10.90 8.49 62.81
C LEU F 91 12.08 9.02 63.62
N LYS F 92 11.82 9.34 64.89
CA LYS F 92 12.87 9.85 65.76
C LYS F 92 14.01 8.83 65.80
N GLU F 93 13.63 7.56 66.03
CA GLU F 93 14.57 6.46 66.20
C GLU F 93 15.32 6.17 64.90
N GLN F 94 14.63 6.32 63.76
CA GLN F 94 15.23 6.08 62.44
C GLN F 94 16.27 7.16 62.13
N GLU F 95 15.93 8.41 62.45
CA GLU F 95 16.81 9.56 62.27
C GLU F 95 18.06 9.36 63.13
N ASN F 96 17.82 8.86 64.35
CA ASN F 96 18.84 8.58 65.34
C ASN F 96 19.84 7.55 64.87
N ARG F 97 19.34 6.42 64.31
CA ARG F 97 20.19 5.32 63.90
C ARG F 97 20.76 5.58 62.51
N LYS F 98 20.53 6.79 61.97
CA LYS F 98 21.05 7.16 60.67
C LYS F 98 20.50 6.19 59.62
N GLY F 99 19.18 6.02 59.68
CA GLY F 99 18.45 5.30 58.65
C GLY F 99 17.68 6.24 57.72
N LEU F 100 17.39 5.74 56.53
CA LEU F 100 16.73 6.53 55.50
C LEU F 100 15.27 6.73 55.86
N ILE F 101 14.78 7.95 55.62
CA ILE F 101 13.36 8.28 55.68
C ILE F 101 12.96 8.88 54.34
N ALA F 102 11.93 8.30 53.74
CA ALA F 102 11.45 8.69 52.42
C ALA F 102 9.96 9.02 52.51
N ALA F 103 9.60 10.20 52.00
CA ALA F 103 8.24 10.68 52.07
C ALA F 103 7.83 11.33 50.75
N ILE F 104 6.60 11.04 50.29
CA ILE F 104 6.15 11.53 49.01
C ILE F 104 4.85 12.31 49.15
N CYS F 105 4.76 13.41 48.38
CA CYS F 105 3.56 14.19 48.14
C CYS F 105 3.18 15.03 49.36
N ALA F 106 2.17 14.61 50.12
CA ALA F 106 1.88 15.26 51.40
C ALA F 106 2.67 14.60 52.53
N GLY F 107 3.22 13.41 52.25
CA GLY F 107 3.94 12.62 53.21
C GLY F 107 4.98 13.44 53.99
N PRO F 108 5.78 14.28 53.33
CA PRO F 108 6.82 15.05 54.04
C PRO F 108 6.28 15.91 55.16
N THR F 109 4.99 16.26 55.10
CA THR F 109 4.41 17.11 56.13
C THR F 109 4.43 16.43 57.51
N ALA F 110 4.44 15.09 57.52
CA ALA F 110 4.53 14.33 58.76
C ALA F 110 5.91 14.52 59.37
N LEU F 111 6.93 14.73 58.51
CA LEU F 111 8.28 15.02 59.00
C LEU F 111 8.23 16.29 59.84
N LEU F 112 7.53 17.32 59.32
CA LEU F 112 7.41 18.59 59.98
C LEU F 112 6.71 18.42 61.32
N ALA F 113 5.60 17.65 61.29
CA ALA F 113 4.77 17.43 62.45
C ALA F 113 5.59 16.78 63.58
N HIS F 114 6.50 15.89 63.21
CA HIS F 114 7.24 15.18 64.24
C HIS F 114 8.65 15.75 64.41
N GLU F 115 8.93 16.92 63.83
CA GLU F 115 10.21 17.60 63.99
C GLU F 115 11.37 16.71 63.53
N ILE F 116 11.22 16.19 62.30
CA ILE F 116 12.18 15.28 61.70
C ILE F 116 12.94 16.02 60.60
N GLY F 117 14.29 16.00 60.69
CA GLY F 117 15.19 16.36 59.60
C GLY F 117 15.18 17.86 59.29
N PHE F 118 14.95 18.63 60.34
CA PHE F 118 14.92 20.08 60.18
C PHE F 118 16.23 20.52 59.54
N GLY F 119 16.15 21.52 58.66
CA GLY F 119 17.32 22.06 57.97
C GLY F 119 17.58 21.37 56.64
N SER F 120 16.77 20.34 56.33
CA SER F 120 16.94 19.54 55.12
C SER F 120 16.33 20.26 53.91
N LYS F 121 16.93 20.03 52.73
CA LYS F 121 16.33 20.39 51.46
C LYS F 121 15.26 19.33 51.18
N VAL F 122 14.04 19.81 50.90
CA VAL F 122 12.91 18.93 50.72
C VAL F 122 12.10 19.40 49.50
N THR F 123 11.37 18.45 48.90
CA THR F 123 10.26 18.78 48.02
C THR F 123 8.98 18.18 48.59
N THR F 124 7.84 18.65 48.08
CA THR F 124 6.53 18.12 48.41
C THR F 124 5.64 18.31 47.19
N HIS F 125 4.39 17.84 47.29
CA HIS F 125 3.42 18.26 46.31
C HIS F 125 3.39 19.78 46.32
N PRO F 126 3.25 20.44 45.15
CA PRO F 126 3.08 21.89 45.15
C PRO F 126 2.06 22.39 46.17
N LEU F 127 0.97 21.64 46.35
CA LEU F 127 -0.15 22.04 47.20
C LEU F 127 0.24 22.03 48.68
N ALA F 128 1.32 21.30 49.01
CA ALA F 128 1.68 21.00 50.38
C ALA F 128 2.87 21.85 50.81
N LYS F 129 3.38 22.66 49.87
CA LYS F 129 4.55 23.50 50.12
C LYS F 129 4.28 24.41 51.33
N ASP F 130 3.12 25.07 51.35
CA ASP F 130 2.69 26.02 52.37
C ASP F 130 2.81 25.42 53.77
N LYS F 131 2.20 24.25 53.90
CA LYS F 131 2.18 23.53 55.17
C LYS F 131 3.61 23.13 55.56
N MET F 132 4.40 22.64 54.60
CA MET F 132 5.73 22.13 54.88
C MET F 132 6.67 23.26 55.30
N MET F 133 6.48 24.43 54.68
CA MET F 133 7.39 25.54 54.86
C MET F 133 6.98 26.41 56.06
N ASN F 134 5.89 26.02 56.73
CA ASN F 134 5.44 26.69 57.94
C ASN F 134 6.51 26.59 59.02
N GLY F 135 7.16 27.72 59.30
CA GLY F 135 8.21 27.80 60.32
C GLY F 135 9.61 27.92 59.73
N GLY F 136 9.74 27.65 58.42
CA GLY F 136 11.01 27.71 57.73
C GLY F 136 12.04 26.73 58.29
N HIS F 137 11.59 25.49 58.51
CA HIS F 137 12.43 24.46 59.09
C HIS F 137 13.07 23.61 58.00
N TYR F 138 12.78 23.94 56.74
CA TYR F 138 13.36 23.29 55.58
C TYR F 138 13.69 24.34 54.51
N THR F 139 14.56 23.94 53.56
CA THR F 139 14.68 24.66 52.31
C THR F 139 13.92 23.89 51.23
N TYR F 140 13.16 24.61 50.42
CA TYR F 140 12.28 23.96 49.45
C TYR F 140 12.97 23.74 48.12
N SER F 141 12.60 22.63 47.45
CA SER F 141 13.18 22.20 46.17
C SER F 141 12.06 21.88 45.19
N GLU F 142 12.29 22.18 43.90
CA GLU F 142 11.33 21.94 42.83
C GLU F 142 11.62 20.63 42.09
N ASN F 143 12.72 19.97 42.47
CA ASN F 143 13.09 18.72 41.84
C ASN F 143 12.03 17.65 42.10
N ARG F 144 11.87 16.78 41.11
CA ARG F 144 10.89 15.70 41.14
C ARG F 144 11.19 14.77 42.31
N VAL F 145 12.49 14.47 42.48
CA VAL F 145 12.97 13.76 43.65
C VAL F 145 14.08 14.59 44.28
N GLU F 146 14.05 14.67 45.62
CA GLU F 146 15.08 15.36 46.39
C GLU F 146 15.66 14.40 47.43
N LYS F 147 16.99 14.31 47.47
CA LYS F 147 17.66 13.55 48.51
C LYS F 147 18.73 14.44 49.15
N ASP F 148 18.53 14.70 50.45
CA ASP F 148 19.46 15.46 51.27
C ASP F 148 19.83 14.63 52.50
N GLY F 149 20.97 13.93 52.40
CA GLY F 149 21.37 12.97 53.42
C GLY F 149 20.41 11.80 53.49
N LEU F 150 19.75 11.64 54.65
CA LEU F 150 18.86 10.51 54.92
C LEU F 150 17.41 10.95 54.86
N ILE F 151 17.17 12.09 54.21
CA ILE F 151 15.83 12.61 53.99
C ILE F 151 15.58 12.64 52.49
N LEU F 152 14.70 11.74 52.05
CA LEU F 152 14.39 11.65 50.64
C LEU F 152 12.92 11.99 50.41
N THR F 153 12.66 12.98 49.54
CA THR F 153 11.30 13.46 49.32
C THR F 153 10.97 13.49 47.82
N SER F 154 9.67 13.53 47.54
CA SER F 154 9.19 13.55 46.17
C SER F 154 7.82 14.20 46.14
N ARG F 155 7.26 14.40 44.94
CA ARG F 155 6.24 15.41 44.78
C ARG F 155 4.80 14.89 44.66
N GLY F 156 4.60 13.74 44.01
CA GLY F 156 3.22 13.36 43.76
C GLY F 156 3.08 12.01 43.09
N PRO F 157 1.83 11.58 42.78
CA PRO F 157 1.59 10.32 42.11
C PRO F 157 2.51 10.16 40.90
N GLY F 158 2.69 11.28 40.17
CA GLY F 158 3.44 11.31 38.92
C GLY F 158 4.94 11.15 39.09
N THR F 159 5.42 11.26 40.34
CA THR F 159 6.84 11.10 40.63
C THR F 159 7.10 9.81 41.40
N SER F 160 6.08 8.97 41.54
CA SER F 160 6.14 7.80 42.43
C SER F 160 7.21 6.80 42.01
N PHE F 161 7.30 6.57 40.70
CA PHE F 161 8.27 5.63 40.19
C PHE F 161 9.68 6.14 40.47
N GLU F 162 9.91 7.44 40.23
CA GLU F 162 11.23 8.06 40.41
C GLU F 162 11.62 8.01 41.89
N PHE F 163 10.63 8.29 42.75
CA PHE F 163 10.80 8.24 44.20
C PHE F 163 11.24 6.84 44.60
N ALA F 164 10.47 5.82 44.17
CA ALA F 164 10.72 4.43 44.51
C ALA F 164 12.10 3.99 44.01
N LEU F 165 12.48 4.38 42.79
CA LEU F 165 13.74 3.95 42.23
C LEU F 165 14.93 4.65 42.91
N ALA F 166 14.66 5.85 43.45
CA ALA F 166 15.68 6.55 44.21
C ALA F 166 15.95 5.82 45.53
N ILE F 167 14.89 5.27 46.13
CA ILE F 167 15.02 4.47 47.34
C ILE F 167 15.80 3.20 47.02
N VAL F 168 15.47 2.53 45.91
CA VAL F 168 16.18 1.33 45.51
C VAL F 168 17.67 1.63 45.38
N GLU F 169 17.99 2.77 44.75
CA GLU F 169 19.39 3.13 44.51
C GLU F 169 20.11 3.37 45.84
N ALA F 170 19.41 4.02 46.75
CA ALA F 170 19.94 4.31 48.06
C ALA F 170 20.22 3.03 48.85
N LEU F 171 19.36 2.02 48.72
CA LEU F 171 19.49 0.84 49.55
C LEU F 171 20.41 -0.18 48.87
N ASN F 172 20.21 -0.35 47.56
CA ASN F 172 20.73 -1.52 46.87
C ASN F 172 21.76 -1.16 45.81
N GLY F 173 21.96 0.14 45.54
CA GLY F 173 22.95 0.57 44.56
C GLY F 173 22.37 0.78 43.17
N LYS F 174 23.18 1.39 42.29
CA LYS F 174 22.73 1.85 40.99
C LYS F 174 22.34 0.67 40.10
N GLU F 175 23.16 -0.39 40.17
CA GLU F 175 23.02 -1.49 39.22
C GLU F 175 21.67 -2.17 39.42
N VAL F 176 21.31 -2.39 40.70
CA VAL F 176 20.04 -3.01 41.04
C VAL F 176 18.89 -2.13 40.55
N ALA F 177 19.01 -0.81 40.76
CA ALA F 177 17.96 0.12 40.39
C ALA F 177 17.70 0.03 38.89
N ALA F 178 18.81 0.01 38.13
CA ALA F 178 18.75 -0.05 36.68
C ALA F 178 18.05 -1.35 36.23
N GLN F 179 18.38 -2.47 36.87
CA GLN F 179 17.79 -3.76 36.55
C GLN F 179 16.27 -3.67 36.72
N VAL F 180 15.83 -3.14 37.86
CA VAL F 180 14.42 -3.05 38.21
C VAL F 180 13.69 -2.13 37.24
N LYS F 181 14.32 -0.99 36.93
CA LYS F 181 13.71 0.09 36.17
C LYS F 181 13.41 -0.37 34.75
N ALA F 182 14.34 -1.13 34.14
CA ALA F 182 14.31 -1.35 32.70
C ALA F 182 12.90 -1.79 32.27
N PRO F 183 12.31 -2.87 32.84
CA PRO F 183 11.03 -3.37 32.34
C PRO F 183 9.82 -2.53 32.76
N LEU F 184 10.04 -1.40 33.44
CA LEU F 184 8.91 -0.58 33.87
C LEU F 184 8.36 0.29 32.73
N VAL F 185 9.13 0.41 31.63
CA VAL F 185 8.75 1.18 30.45
C VAL F 185 8.45 2.63 30.84
N LEU F 186 9.37 3.23 31.60
CA LEU F 186 9.21 4.63 32.01
C LEU F 186 9.68 5.55 30.88
N LYS F 187 9.25 6.83 30.94
CA LYS F 187 9.23 7.77 29.82
C LYS F 187 10.61 8.41 29.51
N MET G 1 38.20 -20.12 24.76
CA MET G 1 39.56 -20.65 24.76
C MET G 1 39.64 -21.86 25.69
N ASP G 2 39.25 -21.68 26.96
CA ASP G 2 39.13 -22.77 27.92
C ASP G 2 38.19 -23.79 27.30
N VAL G 3 38.65 -25.04 27.20
CA VAL G 3 38.19 -25.95 26.17
C VAL G 3 36.75 -25.66 25.78
N PHE G 4 35.83 -25.82 26.73
CA PHE G 4 34.43 -25.74 26.38
C PHE G 4 33.78 -24.44 26.80
N MET G 5 34.49 -23.54 27.49
CA MET G 5 33.76 -22.35 27.91
C MET G 5 33.70 -21.32 26.78
N LYS G 6 34.40 -21.62 25.67
CA LYS G 6 34.13 -20.96 24.41
C LYS G 6 32.67 -21.17 23.98
N GLY G 7 32.21 -22.42 24.08
CA GLY G 7 30.86 -22.82 23.72
C GLY G 7 29.91 -22.77 24.92
N LEU G 8 30.44 -22.37 26.08
CA LEU G 8 29.63 -22.17 27.27
C LEU G 8 29.55 -20.68 27.58
N SER G 9 29.89 -19.87 26.58
CA SER G 9 29.59 -18.45 26.57
C SER G 9 28.73 -18.12 25.34
N LYS G 10 29.09 -18.75 24.21
CA LYS G 10 28.35 -18.76 22.95
C LYS G 10 27.00 -19.45 23.11
N ALA G 11 26.90 -20.45 24.00
CA ALA G 11 25.63 -21.12 24.27
C ALA G 11 24.73 -20.19 25.06
N LYS G 12 25.33 -19.36 25.91
CA LYS G 12 24.58 -18.39 26.69
C LYS G 12 23.86 -17.41 25.78
N GLU G 13 24.11 -17.48 24.48
CA GLU G 13 23.42 -16.59 23.54
C GLU G 13 22.68 -17.38 22.47
N GLY G 14 22.67 -18.72 22.60
CA GLY G 14 21.55 -19.55 22.16
C GLY G 14 20.49 -19.58 23.27
N VAL G 15 20.60 -18.56 24.14
CA VAL G 15 19.86 -18.41 25.37
C VAL G 15 19.56 -16.92 25.61
N VAL G 16 20.46 -16.05 25.16
CA VAL G 16 20.08 -14.68 24.86
C VAL G 16 19.38 -14.71 23.50
N ALA G 17 20.07 -15.28 22.50
CA ALA G 17 19.59 -15.25 21.12
C ALA G 17 18.38 -16.19 20.92
N ALA G 18 18.62 -17.50 20.84
CA ALA G 18 17.58 -18.47 20.52
C ALA G 18 16.49 -18.49 21.59
N ALA G 19 16.49 -17.46 22.47
CA ALA G 19 15.45 -17.31 23.48
C ALA G 19 14.10 -17.03 22.83
N GLU G 20 14.14 -16.07 21.90
CA GLU G 20 13.01 -15.46 21.20
C GLU G 20 12.47 -16.44 20.17
N LYS G 21 12.64 -17.74 20.44
CA LYS G 21 12.30 -18.79 19.50
C LYS G 21 11.17 -19.68 20.01
N THR G 22 11.42 -20.36 21.14
CA THR G 22 10.38 -21.17 21.76
C THR G 22 9.51 -20.26 22.61
N LYS G 23 10.03 -19.06 22.94
CA LYS G 23 9.21 -18.00 23.50
C LYS G 23 8.02 -17.70 22.60
N GLN G 24 8.28 -17.51 21.30
CA GLN G 24 7.24 -17.57 20.28
C GLN G 24 6.50 -18.89 20.41
N GLY G 25 7.25 -19.99 20.34
CA GLY G 25 6.72 -21.32 20.48
C GLY G 25 5.51 -21.38 21.41
N VAL G 26 5.76 -21.22 22.72
CA VAL G 26 4.74 -21.14 23.76
C VAL G 26 3.76 -20.03 23.40
N ALA G 27 4.35 -18.85 23.15
CA ALA G 27 3.58 -17.64 22.93
C ALA G 27 2.52 -17.91 21.86
N GLU G 28 2.76 -18.89 20.95
CA GLU G 28 2.02 -18.96 19.71
C GLU G 28 1.40 -20.31 19.33
N ALA G 29 1.83 -21.44 19.92
CA ALA G 29 1.07 -22.66 19.64
C ALA G 29 0.27 -23.05 20.88
N ALA G 30 -0.78 -22.27 21.18
CA ALA G 30 -1.65 -22.43 22.34
C ALA G 30 -3.11 -22.17 21.96
N GLY G 31 -3.31 -21.39 20.88
CA GLY G 31 -4.62 -21.11 20.29
C GLY G 31 -4.81 -21.81 18.95
N LYS G 32 -4.76 -23.16 18.96
CA LYS G 32 -5.25 -23.97 17.85
C LYS G 32 -6.77 -23.80 17.80
N THR G 33 -7.42 -24.07 18.95
CA THR G 33 -8.80 -23.77 19.30
C THR G 33 -9.42 -22.65 18.42
N LYS G 34 -8.90 -21.40 18.51
CA LYS G 34 -9.49 -20.20 17.93
C LYS G 34 -10.41 -20.48 16.74
N GLU G 35 -9.80 -20.89 15.60
CA GLU G 35 -10.48 -21.37 14.39
C GLU G 35 -10.89 -22.85 14.48
N GLY G 36 -10.31 -23.62 15.45
CA GLY G 36 -10.70 -24.97 15.85
C GLY G 36 -12.21 -25.19 15.77
N VAL G 37 -12.94 -24.85 16.86
CA VAL G 37 -14.40 -24.84 16.99
C VAL G 37 -15.05 -24.09 15.82
N LEU G 38 -14.31 -23.95 14.74
CA LEU G 38 -14.82 -23.38 13.52
C LEU G 38 -14.58 -24.40 12.41
N TYR G 39 -15.31 -24.29 11.30
CA TYR G 39 -15.18 -25.17 10.16
C TYR G 39 -14.77 -24.47 8.87
N VAL G 40 -13.73 -25.02 8.24
CA VAL G 40 -13.06 -24.48 7.07
C VAL G 40 -13.01 -25.54 5.98
N GLY G 41 -13.50 -25.16 4.79
CA GLY G 41 -13.28 -25.95 3.60
C GLY G 41 -11.82 -25.86 3.16
N SER G 42 -10.93 -26.44 3.98
CA SER G 42 -9.54 -26.67 3.60
C SER G 42 -9.18 -28.11 3.95
N LYS G 43 -9.90 -28.67 4.94
CA LYS G 43 -9.84 -30.09 5.25
C LYS G 43 -11.17 -30.75 4.92
N THR G 44 -11.15 -31.54 3.83
CA THR G 44 -12.16 -32.52 3.47
C THR G 44 -11.41 -33.76 3.04
N LYS G 45 -11.77 -34.93 3.58
CA LYS G 45 -10.86 -36.06 3.74
C LYS G 45 -10.28 -36.54 2.41
N GLU G 46 -9.67 -35.56 1.71
CA GLU G 46 -8.59 -35.72 0.75
C GLU G 46 -7.46 -34.73 1.03
N GLY G 47 -7.71 -33.70 1.86
CA GLY G 47 -6.66 -32.91 2.48
C GLY G 47 -6.20 -33.57 3.79
N VAL G 48 -5.77 -34.84 3.67
CA VAL G 48 -5.39 -35.76 4.73
C VAL G 48 -4.60 -36.89 4.05
N VAL G 49 -5.24 -37.58 3.09
CA VAL G 49 -4.61 -38.46 2.11
C VAL G 49 -4.29 -37.65 0.84
N HIS G 50 -4.17 -36.33 1.00
CA HIS G 50 -3.56 -35.45 0.02
C HIS G 50 -3.03 -34.17 0.69
N GLY G 51 -3.90 -33.37 1.34
CA GLY G 51 -3.53 -32.13 2.02
C GLY G 51 -2.50 -32.30 3.16
N VAL G 52 -2.10 -33.56 3.40
CA VAL G 52 -0.98 -33.94 4.27
C VAL G 52 0.20 -34.39 3.39
N ALA G 53 -0.06 -35.27 2.40
CA ALA G 53 0.95 -35.77 1.48
C ALA G 53 1.39 -34.71 0.46
N THR G 54 0.90 -33.47 0.57
CA THR G 54 1.59 -32.32 0.00
C THR G 54 1.75 -31.22 1.05
N VAL G 55 2.59 -31.50 2.05
CA VAL G 55 3.48 -30.52 2.66
C VAL G 55 4.85 -31.20 2.67
N ALA G 56 5.10 -31.93 1.59
CA ALA G 56 6.39 -32.52 1.28
C ALA G 56 7.18 -31.52 0.43
N GLU G 57 6.46 -30.66 -0.31
CA GLU G 57 7.05 -29.82 -1.35
C GLU G 57 8.01 -28.80 -0.74
N LYS G 58 7.59 -28.17 0.36
CA LYS G 58 8.42 -27.21 1.09
C LYS G 58 9.32 -27.89 2.13
N THR G 59 8.84 -28.92 2.87
CA THR G 59 9.70 -29.65 3.81
C THR G 59 10.69 -30.56 3.10
N LYS G 60 10.32 -31.06 1.92
CA LYS G 60 11.22 -31.88 1.11
C LYS G 60 12.51 -31.11 0.79
N GLU G 61 12.37 -29.85 0.33
CA GLU G 61 13.40 -29.07 -0.32
C GLU G 61 14.02 -28.04 0.63
N GLN G 62 14.27 -28.48 1.88
CA GLN G 62 15.23 -27.87 2.78
C GLN G 62 16.63 -28.32 2.37
N VAL G 63 16.82 -29.67 2.24
CA VAL G 63 18.11 -30.35 2.11
C VAL G 63 18.48 -30.57 0.64
N THR G 64 18.55 -29.47 -0.11
CA THR G 64 19.36 -29.35 -1.31
C THR G 64 20.46 -28.36 -0.93
N ASN G 65 20.06 -27.39 -0.09
CA ASN G 65 20.81 -26.22 0.35
C ASN G 65 21.28 -26.42 1.80
N VAL G 66 20.56 -27.26 2.55
CA VAL G 66 21.15 -28.04 3.63
C VAL G 66 21.51 -29.42 3.07
N GLY G 67 22.12 -29.44 1.86
CA GLY G 67 23.12 -30.44 1.50
C GLY G 67 24.36 -30.29 2.41
N GLY G 68 24.84 -29.06 2.58
CA GLY G 68 25.81 -28.67 3.61
C GLY G 68 25.23 -27.66 4.59
N ALA G 69 25.20 -28.03 5.88
CA ALA G 69 24.63 -27.27 7.00
C ALA G 69 23.91 -28.17 8.00
N VAL G 70 23.76 -29.48 7.68
CA VAL G 70 23.56 -30.56 8.64
C VAL G 70 24.67 -31.59 8.43
N VAL G 71 25.54 -31.28 7.47
CA VAL G 71 26.76 -32.03 7.16
C VAL G 71 28.02 -31.23 7.51
N THR G 72 27.92 -29.89 7.61
CA THR G 72 29.03 -29.07 8.11
C THR G 72 29.10 -29.17 9.64
N GLY G 73 28.37 -30.15 10.17
CA GLY G 73 28.59 -30.75 11.48
C GLY G 73 29.38 -32.06 11.35
N VAL G 74 29.34 -32.67 10.15
CA VAL G 74 30.31 -33.63 9.65
C VAL G 74 31.43 -32.86 8.93
N THR G 75 31.81 -31.69 9.48
CA THR G 75 32.99 -30.96 9.04
C THR G 75 34.00 -30.82 10.20
N ALA G 76 33.48 -30.45 11.37
CA ALA G 76 34.21 -29.80 12.46
C ALA G 76 34.39 -30.69 13.69
N VAL G 77 33.97 -31.96 13.64
CA VAL G 77 33.99 -32.83 14.82
C VAL G 77 35.21 -33.77 14.87
N ALA G 78 35.38 -34.67 13.88
CA ALA G 78 36.48 -35.62 13.88
C ALA G 78 37.78 -34.95 13.40
N GLN G 79 38.14 -33.86 14.08
CA GLN G 79 39.42 -33.16 13.99
C GLN G 79 39.72 -32.73 15.41
N LYS G 80 38.77 -33.13 16.27
CA LYS G 80 38.88 -33.41 17.69
C LYS G 80 39.14 -34.91 17.88
N THR G 81 38.66 -35.75 16.95
CA THR G 81 39.19 -37.10 16.87
C THR G 81 40.45 -37.15 16.00
N VAL G 82 41.20 -36.04 15.99
CA VAL G 82 42.66 -36.07 15.80
C VAL G 82 43.34 -35.19 16.86
N GLU G 83 42.54 -34.58 17.74
CA GLU G 83 42.97 -34.19 19.07
C GLU G 83 42.52 -35.28 20.04
N GLY G 84 42.33 -36.47 19.45
CA GLY G 84 42.38 -37.77 20.11
C GLY G 84 43.65 -38.58 19.81
N ALA G 85 44.05 -38.69 18.51
CA ALA G 85 45.20 -39.45 18.05
C ALA G 85 46.55 -38.94 18.61
N GLY G 86 46.87 -37.64 18.40
CA GLY G 86 48.07 -36.97 18.89
C GLY G 86 48.15 -36.91 20.42
N SER G 87 47.03 -37.25 21.06
CA SER G 87 46.83 -37.20 22.49
C SER G 87 47.08 -38.55 23.17
N ILE G 88 47.08 -39.65 22.40
CA ILE G 88 47.43 -40.98 22.89
C ILE G 88 48.86 -41.33 22.50
N ALA G 89 49.64 -40.30 22.17
CA ALA G 89 51.03 -40.23 22.59
C ALA G 89 51.06 -39.91 24.09
N ALA G 90 50.10 -39.08 24.57
CA ALA G 90 50.12 -38.51 25.92
C ALA G 90 49.18 -39.21 26.94
N ALA G 91 47.84 -39.23 26.68
CA ALA G 91 46.74 -39.77 27.49
C ALA G 91 47.05 -41.10 28.18
N THR G 92 47.09 -42.18 27.38
CA THR G 92 47.68 -43.48 27.73
C THR G 92 49.16 -43.27 28.10
#